data_7ZJO
#
_entry.id   7ZJO
#
_cell.length_a   161.210
_cell.length_b   115.768
_cell.length_c   87.554
_cell.angle_alpha   90.000
_cell.angle_beta   90.059
_cell.angle_gamma   90.000
#
_symmetry.space_group_name_H-M   'C 1 2 1'
#
loop_
_entity.id
_entity.type
_entity.pdbx_description
1 polymer Lipase
2 non-polymer 1,2-ETHANEDIOL
3 non-polymer P-NITROPHENOL
4 non-polymer 'SULFATE ION'
5 non-polymer 'PENTAETHYLENE GLYCOL'
6 water water
#
_entity_poly.entity_id   1
_entity_poly.type   'polypeptide(L)'
_entity_poly.pdbx_seq_one_letter_code
;DPVLEPTTQKFINALSASGGPAIYTLTPAEARDVLSGAQSGEIAKPAVDITDTTFAVGPTGATKVRIIRPQGNTDRLPVI
VYFHGAGWVMGDTGTHDRLVRELSVRANAALVFVDYERSPEARYPVAIEQDYAVTKYVAEHSEQLNVDPTRLAIAGD
(SEP)VGGNMTAVVSLLAQERGGPDITAQVLFYPVTDADFDNGSYTEFANGPWLTKPAMDWFWNQYLPEGIDRTDPKITP
IHATSEQLSGQAPALVITAENDVLRDEGEAYARKLSQAGVDVTVTRYNGTIHDFVMLNVLADTPAAKGAIAQAGQYLHTA
LHGK
;
_entity_poly.pdbx_strand_id   A,B,C,D
#
# COMPACT_ATOMS: atom_id res chain seq x y z
N PRO A 2 39.35 -39.09 4.31
CA PRO A 2 39.78 -38.54 3.02
C PRO A 2 41.28 -38.15 2.97
N VAL A 3 41.91 -38.43 1.85
CA VAL A 3 43.31 -38.06 1.65
C VAL A 3 43.33 -36.64 1.11
N LEU A 4 43.74 -35.70 1.97
CA LEU A 4 43.82 -34.30 1.61
C LEU A 4 45.26 -33.94 1.26
N GLU A 5 45.40 -32.94 0.40
CA GLU A 5 46.70 -32.31 0.18
C GLU A 5 47.28 -31.89 1.55
N PRO A 6 48.60 -32.00 1.74
CA PRO A 6 49.14 -31.84 3.11
C PRO A 6 48.80 -30.53 3.81
N THR A 7 49.04 -29.39 3.14
CA THR A 7 48.70 -28.11 3.75
C THR A 7 47.21 -28.06 4.10
N THR A 8 46.37 -28.60 3.22
CA THR A 8 44.93 -28.60 3.48
C THR A 8 44.60 -29.48 4.67
N GLN A 9 45.26 -30.63 4.78
CA GLN A 9 45.10 -31.48 5.95
C GLN A 9 45.54 -30.76 7.21
N LYS A 10 46.66 -30.04 7.15
CA LYS A 10 47.13 -29.30 8.31
C LYS A 10 46.08 -28.28 8.77
N PHE A 11 45.46 -27.57 7.84
CA PHE A 11 44.38 -26.65 8.19
C PHE A 11 43.27 -27.39 8.93
N ILE A 12 42.78 -28.49 8.35
CA ILE A 12 41.71 -29.26 8.98
C ILE A 12 42.12 -29.71 10.37
N ASN A 13 43.37 -30.16 10.53
CA ASN A 13 43.85 -30.55 11.86
C ASN A 13 43.85 -29.37 12.81
N ALA A 14 44.39 -28.22 12.37
CA ALA A 14 44.31 -27.00 13.17
C ALA A 14 42.89 -26.75 13.65
N LEU A 15 41.92 -27.01 12.78
CA LEU A 15 40.53 -26.69 13.08
C LEU A 15 39.99 -27.57 14.19
N SER A 16 40.08 -28.89 14.03
CA SER A 16 39.58 -29.80 15.05
C SER A 16 40.33 -29.66 16.37
N ALA A 17 41.57 -29.16 16.33
CA ALA A 17 42.33 -28.88 17.55
C ALA A 17 41.96 -27.54 18.18
N SER A 18 41.27 -26.66 17.46
CA SER A 18 40.86 -25.38 18.03
C SER A 18 39.59 -25.50 18.85
N GLY A 19 38.81 -26.56 18.66
CA GLY A 19 37.70 -26.87 19.53
C GLY A 19 36.56 -25.87 19.51
N GLY A 20 36.58 -24.94 18.55
CA GLY A 20 35.58 -23.90 18.44
C GLY A 20 34.17 -24.48 18.44
N PRO A 21 33.19 -23.60 18.61
CA PRO A 21 31.77 -24.02 18.49
C PRO A 21 31.40 -24.10 17.01
N ALA A 22 30.47 -24.96 16.70
CA ALA A 22 30.06 -25.12 15.31
C ALA A 22 29.39 -23.85 14.80
N ILE A 23 29.67 -23.51 13.54
CA ILE A 23 29.23 -22.22 12.98
C ILE A 23 27.74 -22.01 13.20
N TYR A 24 26.95 -23.08 13.12
CA TYR A 24 25.50 -22.95 13.16
C TYR A 24 24.95 -22.78 14.58
N THR A 25 25.80 -22.76 15.60
CA THR A 25 25.39 -22.43 16.96
C THR A 25 25.49 -20.95 17.26
N LEU A 26 25.93 -20.14 16.30
CA LEU A 26 26.19 -18.73 16.50
C LEU A 26 25.06 -17.90 15.93
N THR A 27 25.06 -16.62 16.27
CA THR A 27 24.15 -15.70 15.64
C THR A 27 24.68 -15.36 14.25
N PRO A 28 23.80 -14.91 13.35
CA PRO A 28 24.30 -14.43 12.04
C PRO A 28 25.47 -13.46 12.16
N ALA A 29 25.37 -12.48 13.06
CA ALA A 29 26.43 -11.50 13.19
C ALA A 29 27.71 -12.15 13.70
N GLU A 30 27.60 -13.09 14.64
CA GLU A 30 28.77 -13.81 15.10
C GLU A 30 29.41 -14.60 13.97
N ALA A 31 28.59 -15.34 13.20
CA ALA A 31 29.11 -16.13 12.09
C ALA A 31 29.81 -15.26 11.06
N ARG A 32 29.23 -14.09 10.76
CA ARG A 32 29.86 -13.17 9.82
C ARG A 32 31.26 -12.78 10.31
N ASP A 33 31.39 -12.50 11.60
CA ASP A 33 32.67 -12.06 12.13
C ASP A 33 33.69 -13.20 12.11
N VAL A 34 33.25 -14.43 12.37
CA VAL A 34 34.17 -15.56 12.30
C VAL A 34 34.85 -15.61 10.93
N LEU A 35 34.05 -15.63 9.85
CA LEU A 35 34.63 -15.74 8.51
C LEU A 35 35.45 -14.49 8.18
N SER A 36 34.93 -13.30 8.53
CA SER A 36 35.67 -12.07 8.27
C SER A 36 37.05 -12.09 8.93
N GLY A 37 37.12 -12.53 10.19
CA GLY A 37 38.40 -12.60 10.86
C GLY A 37 39.32 -13.65 10.25
N ALA A 38 38.75 -14.80 9.87
CA ALA A 38 39.54 -15.85 9.24
C ALA A 38 40.20 -15.36 7.96
N GLN A 39 39.55 -14.43 7.26
CA GLN A 39 40.03 -13.91 5.99
C GLN A 39 40.75 -12.57 6.13
N SER A 40 41.04 -12.16 7.36
CA SER A 40 41.65 -10.86 7.61
C SER A 40 43.18 -10.91 7.67
N GLY A 41 43.77 -12.09 7.52
CA GLY A 41 45.21 -12.21 7.57
C GLY A 41 45.90 -11.48 6.43
N GLU A 42 47.18 -11.14 6.67
CA GLU A 42 47.99 -10.53 5.63
C GLU A 42 48.29 -11.56 4.53
N ILE A 43 48.14 -11.14 3.28
CA ILE A 43 48.32 -12.01 2.12
C ILE A 43 48.42 -11.10 0.91
N ALA A 44 49.32 -11.41 -0.01
CA ALA A 44 49.46 -10.59 -1.21
C ALA A 44 48.23 -10.76 -2.10
N LYS A 45 47.89 -9.68 -2.80
CA LYS A 45 46.68 -9.59 -3.60
C LYS A 45 47.01 -8.84 -4.88
N PRO A 46 46.33 -9.14 -5.98
CA PRO A 46 46.54 -8.36 -7.20
C PRO A 46 46.17 -6.90 -6.98
N ALA A 47 46.84 -6.03 -7.75
CA ALA A 47 46.58 -4.61 -7.66
C ALA A 47 45.32 -4.26 -8.46
N VAL A 48 44.38 -3.59 -7.80
CA VAL A 48 43.11 -3.25 -8.43
C VAL A 48 42.71 -1.84 -8.00
N ASP A 49 41.86 -1.24 -8.83
CA ASP A 49 41.12 -0.04 -8.48
C ASP A 49 39.74 -0.48 -7.98
N ILE A 50 39.28 0.14 -6.90
CA ILE A 50 38.04 -0.28 -6.24
C ILE A 50 37.12 0.93 -6.10
N THR A 51 35.86 0.75 -6.47
CA THR A 51 34.80 1.74 -6.25
C THR A 51 33.64 1.04 -5.56
N ASP A 52 33.32 1.46 -4.33
CA ASP A 52 32.15 0.97 -3.60
C ASP A 52 31.00 1.94 -3.84
N THR A 53 29.84 1.41 -4.22
CA THR A 53 28.70 2.27 -4.50
C THR A 53 27.43 1.43 -4.41
N THR A 54 26.33 2.01 -4.91
CA THR A 54 25.01 1.40 -4.85
C THR A 54 24.34 1.60 -6.20
N PHE A 55 23.67 0.57 -6.69
CA PHE A 55 22.80 0.71 -7.86
C PHE A 55 21.36 0.69 -7.35
N ALA A 56 20.53 1.61 -7.84
CA ALA A 56 19.14 1.75 -7.41
C ALA A 56 18.26 0.74 -8.14
N VAL A 57 18.56 -0.54 -7.90
CA VAL A 57 17.86 -1.64 -8.57
C VAL A 57 17.64 -2.78 -7.59
N GLY A 58 16.74 -3.68 -7.95
CA GLY A 58 16.46 -4.85 -7.14
C GLY A 58 15.23 -4.66 -6.27
N PRO A 59 14.80 -5.74 -5.62
CA PRO A 59 13.48 -5.71 -4.93
C PRO A 59 13.47 -4.85 -3.68
N THR A 60 14.62 -4.50 -3.12
CA THR A 60 14.68 -3.61 -1.98
C THR A 60 14.78 -2.13 -2.39
N GLY A 61 14.95 -1.85 -3.69
CA GLY A 61 15.17 -0.51 -4.17
C GLY A 61 16.62 -0.11 -4.31
N ALA A 62 17.53 -0.81 -3.63
CA ALA A 62 18.96 -0.51 -3.70
C ALA A 62 19.74 -1.79 -3.52
N THR A 63 20.87 -1.88 -4.23
CA THR A 63 21.79 -3.00 -4.09
C THR A 63 23.21 -2.46 -4.01
N LYS A 64 23.90 -2.78 -2.92
CA LYS A 64 25.30 -2.38 -2.78
C LYS A 64 26.19 -3.22 -3.68
N VAL A 65 27.17 -2.56 -4.31
CA VAL A 65 28.10 -3.26 -5.19
C VAL A 65 29.50 -2.69 -4.99
N ARG A 66 30.49 -3.55 -5.18
CA ARG A 66 31.89 -3.14 -5.30
C ARG A 66 32.33 -3.40 -6.72
N ILE A 67 32.83 -2.38 -7.40
CA ILE A 67 33.32 -2.49 -8.76
C ILE A 67 34.84 -2.53 -8.70
N ILE A 68 35.45 -3.55 -9.33
CA ILE A 68 36.88 -3.80 -9.30
C ILE A 68 37.39 -3.83 -10.72
N ARG A 69 38.59 -3.28 -10.94
CA ARG A 69 39.20 -3.26 -12.26
C ARG A 69 40.71 -3.40 -12.07
N PRO A 70 41.41 -4.06 -13.00
CA PRO A 70 42.88 -4.09 -12.92
C PRO A 70 43.41 -2.67 -12.77
N GLN A 71 44.31 -2.50 -11.79
CA GLN A 71 44.73 -1.16 -11.39
C GLN A 71 45.25 -0.35 -12.56
N GLY A 72 44.69 0.87 -12.71
CA GLY A 72 45.10 1.78 -13.74
C GLY A 72 44.46 1.60 -15.09
N ASN A 73 43.57 0.61 -15.24
CA ASN A 73 42.98 0.30 -16.52
C ASN A 73 41.70 1.10 -16.71
N THR A 74 41.73 2.04 -17.67
CA THR A 74 40.57 2.86 -17.99
C THR A 74 39.92 2.48 -19.31
N ASP A 75 40.33 1.36 -19.91
CA ASP A 75 39.73 0.93 -21.15
C ASP A 75 38.31 0.42 -20.93
N ARG A 76 37.55 0.36 -22.03
CA ARG A 76 36.27 -0.32 -22.01
C ARG A 76 36.55 -1.82 -21.91
N LEU A 77 36.18 -2.43 -20.81
CA LEU A 77 36.52 -3.81 -20.52
C LEU A 77 35.28 -4.70 -20.59
N PRO A 78 35.45 -5.99 -20.88
CA PRO A 78 34.39 -6.95 -20.56
C PRO A 78 34.14 -6.91 -19.06
N VAL A 79 33.01 -7.49 -18.64
CA VAL A 79 32.58 -7.36 -17.26
C VAL A 79 32.15 -8.72 -16.71
N ILE A 80 32.49 -8.94 -15.44
CA ILE A 80 32.05 -10.08 -14.65
C ILE A 80 31.14 -9.56 -13.54
N VAL A 81 29.96 -10.15 -13.41
CA VAL A 81 29.10 -9.91 -12.26
C VAL A 81 29.26 -11.10 -11.33
N TYR A 82 29.63 -10.85 -10.08
CA TYR A 82 30.08 -11.89 -9.17
C TYR A 82 29.16 -12.00 -7.97
N PHE A 83 28.79 -13.24 -7.65
CA PHE A 83 27.91 -13.56 -6.54
C PHE A 83 28.70 -14.41 -5.55
N HIS A 84 28.97 -13.85 -4.37
CA HIS A 84 29.80 -14.54 -3.40
C HIS A 84 29.00 -15.57 -2.62
N GLY A 85 29.73 -16.55 -2.08
CA GLY A 85 29.17 -17.58 -1.25
C GLY A 85 29.40 -17.34 0.22
N ALA A 86 29.17 -18.41 1.00
CA ALA A 86 29.34 -18.47 2.46
C ALA A 86 27.98 -18.64 3.13
N GLY A 87 27.11 -19.47 2.55
CA GLY A 87 25.95 -19.97 3.27
C GLY A 87 24.75 -19.06 3.33
N TRP A 88 24.72 -18.01 2.52
CA TRP A 88 23.72 -16.96 2.52
C TRP A 88 23.82 -16.04 3.72
N VAL A 89 24.30 -16.58 4.83
CA VAL A 89 24.43 -15.80 6.06
C VAL A 89 25.67 -14.92 6.03
N MET A 90 26.79 -15.47 5.58
CA MET A 90 28.10 -14.83 5.75
C MET A 90 28.64 -14.32 4.42
N GLY A 91 29.83 -13.73 4.49
CA GLY A 91 30.54 -13.27 3.31
C GLY A 91 30.34 -11.79 3.05
N ASP A 92 31.38 -11.17 2.48
CA ASP A 92 31.38 -9.73 2.22
C ASP A 92 32.55 -9.44 1.27
N THR A 93 32.74 -8.14 0.98
CA THR A 93 33.83 -7.77 0.07
C THR A 93 35.19 -8.17 0.62
N GLY A 94 35.30 -8.29 1.96
CA GLY A 94 36.53 -8.70 2.59
C GLY A 94 36.82 -10.18 2.46
N THR A 95 35.81 -11.02 2.76
CA THR A 95 36.03 -12.46 2.80
C THR A 95 36.46 -13.00 1.44
N HIS A 96 36.05 -12.36 0.34
CA HIS A 96 36.25 -12.88 -0.99
C HIS A 96 37.17 -11.99 -1.81
N ASP A 97 37.85 -11.03 -1.18
CA ASP A 97 38.62 -10.01 -1.87
C ASP A 97 39.69 -10.62 -2.77
N ARG A 98 40.57 -11.46 -2.22
CA ARG A 98 41.66 -11.96 -3.04
C ARG A 98 41.13 -12.74 -4.24
N LEU A 99 40.15 -13.61 -4.01
CA LEU A 99 39.59 -14.40 -5.10
C LEU A 99 39.08 -13.51 -6.23
N VAL A 100 38.27 -12.49 -5.91
CA VAL A 100 37.65 -11.72 -6.99
C VAL A 100 38.66 -10.81 -7.66
N ARG A 101 39.66 -10.34 -6.91
CA ARG A 101 40.76 -9.62 -7.56
C ARG A 101 41.47 -10.49 -8.60
N GLU A 102 41.73 -11.75 -8.24
CA GLU A 102 42.40 -12.66 -9.15
C GLU A 102 41.58 -12.86 -10.41
N LEU A 103 40.25 -13.02 -10.27
CA LEU A 103 39.41 -13.18 -11.43
C LEU A 103 39.41 -11.92 -12.30
N SER A 104 39.35 -10.74 -11.67
CA SER A 104 39.35 -9.50 -12.44
C SER A 104 40.64 -9.36 -13.24
N VAL A 105 41.78 -9.59 -12.59
CA VAL A 105 43.06 -9.37 -13.26
C VAL A 105 43.34 -10.47 -14.28
N ARG A 106 42.98 -11.72 -13.96
CA ARG A 106 43.28 -12.81 -14.89
C ARG A 106 42.37 -12.75 -16.11
N ALA A 107 41.11 -12.39 -15.91
CA ALA A 107 40.19 -12.19 -17.00
C ALA A 107 40.38 -10.84 -17.69
N ASN A 108 41.15 -9.94 -17.10
CA ASN A 108 41.25 -8.55 -17.58
C ASN A 108 39.85 -8.00 -17.84
N ALA A 109 39.09 -7.93 -16.77
CA ALA A 109 37.68 -7.54 -16.83
C ALA A 109 37.36 -6.67 -15.62
N ALA A 110 36.44 -5.73 -15.81
CA ALA A 110 35.75 -5.15 -14.68
C ALA A 110 34.97 -6.27 -13.98
N LEU A 111 34.90 -6.20 -12.66
CA LEU A 111 34.12 -7.16 -11.89
C LEU A 111 33.22 -6.39 -10.95
N VAL A 112 31.91 -6.68 -11.01
CA VAL A 112 30.92 -6.08 -10.15
C VAL A 112 30.52 -7.12 -9.10
N PHE A 113 30.99 -6.90 -7.89
CA PHE A 113 30.71 -7.75 -6.73
C PHE A 113 29.39 -7.31 -6.13
N VAL A 114 28.40 -8.22 -6.14
CA VAL A 114 27.07 -7.91 -5.61
C VAL A 114 27.07 -8.19 -4.11
N ASP A 115 27.00 -7.13 -3.31
CA ASP A 115 26.92 -7.25 -1.86
C ASP A 115 25.44 -7.39 -1.47
N TYR A 116 24.91 -8.57 -1.77
CA TYR A 116 23.47 -8.81 -1.64
C TYR A 116 23.05 -8.90 -0.18
N GLU A 117 21.75 -8.74 0.05
CA GLU A 117 21.21 -8.83 1.39
C GLU A 117 21.29 -10.28 1.87
N ARG A 118 21.92 -10.48 3.03
CA ARG A 118 22.20 -11.80 3.54
C ARG A 118 21.05 -12.30 4.41
N SER A 119 21.08 -13.59 4.68
CA SER A 119 20.06 -14.29 5.45
C SER A 119 20.49 -14.41 6.90
N PRO A 120 19.56 -14.57 7.84
CA PRO A 120 18.10 -14.71 7.65
C PRO A 120 17.33 -13.39 7.57
N GLU A 121 18.01 -12.26 7.69
CA GLU A 121 17.32 -10.98 7.60
C GLU A 121 16.61 -10.85 6.26
N ALA A 122 17.26 -11.31 5.19
CA ALA A 122 16.64 -11.42 3.88
C ALA A 122 16.59 -12.91 3.52
N ARG A 123 15.43 -13.39 3.12
CA ARG A 123 15.26 -14.75 2.68
C ARG A 123 15.07 -14.77 1.17
N TYR A 124 15.14 -15.96 0.60
CA TYR A 124 14.68 -16.14 -0.77
C TYR A 124 13.40 -15.35 -0.96
N PRO A 125 13.21 -14.64 -2.07
CA PRO A 125 14.10 -14.52 -3.22
C PRO A 125 14.85 -13.19 -3.34
N VAL A 126 15.12 -12.53 -2.21
CA VAL A 126 15.65 -11.17 -2.29
C VAL A 126 16.98 -11.14 -3.02
N ALA A 127 17.91 -12.01 -2.62
CA ALA A 127 19.27 -11.97 -3.16
C ALA A 127 19.30 -12.32 -4.65
N ILE A 128 18.59 -13.39 -5.05
CA ILE A 128 18.65 -13.76 -6.45
C ILE A 128 18.07 -12.66 -7.33
N GLU A 129 17.05 -11.94 -6.82
CA GLU A 129 16.50 -10.84 -7.59
C GLU A 129 17.39 -9.61 -7.57
N GLN A 130 18.06 -9.33 -6.46
CA GLN A 130 19.13 -8.35 -6.48
C GLN A 130 20.20 -8.74 -7.51
N ASP A 131 20.62 -10.01 -7.45
CA ASP A 131 21.68 -10.46 -8.36
C ASP A 131 21.25 -10.27 -9.81
N TYR A 132 20.01 -10.67 -10.12
CA TYR A 132 19.52 -10.52 -11.49
C TYR A 132 19.45 -9.05 -11.88
N ALA A 133 19.00 -8.20 -10.96
CA ALA A 133 18.81 -6.80 -11.29
C ALA A 133 20.15 -6.11 -11.55
N VAL A 134 21.18 -6.46 -10.78
CA VAL A 134 22.49 -5.87 -11.03
C VAL A 134 23.03 -6.33 -12.37
N THR A 135 22.85 -7.61 -12.69
CA THR A 135 23.32 -8.12 -13.98
C THR A 135 22.64 -7.38 -15.13
N LYS A 136 21.34 -7.17 -15.03
CA LYS A 136 20.61 -6.39 -16.02
C LYS A 136 21.08 -4.93 -16.03
N TYR A 137 21.28 -4.36 -14.86
CA TYR A 137 21.76 -2.98 -14.80
C TYR A 137 23.10 -2.83 -15.51
N VAL A 138 24.03 -3.75 -15.24
CA VAL A 138 25.34 -3.69 -15.91
C VAL A 138 25.18 -3.76 -17.42
N ALA A 139 24.31 -4.66 -17.89
CA ALA A 139 24.11 -4.79 -19.33
C ALA A 139 23.51 -3.53 -19.93
N GLU A 140 22.73 -2.77 -19.16
CA GLU A 140 22.00 -1.61 -19.68
C GLU A 140 22.67 -0.27 -19.39
N HIS A 141 23.79 -0.25 -18.67
CA HIS A 141 24.48 0.99 -18.33
C HIS A 141 25.96 0.87 -18.63
N SER A 142 26.25 0.38 -19.83
CA SER A 142 27.62 0.07 -20.21
C SER A 142 28.47 1.34 -20.38
N GLU A 143 27.87 2.44 -20.85
CA GLU A 143 28.60 3.69 -20.93
C GLU A 143 28.91 4.21 -19.54
N GLN A 144 27.95 4.14 -18.62
CA GLN A 144 28.18 4.65 -17.28
C GLN A 144 29.26 3.85 -16.54
N LEU A 145 29.39 2.55 -16.84
CA LEU A 145 30.39 1.71 -16.21
C LEU A 145 31.65 1.54 -17.04
N ASN A 146 31.64 1.99 -18.30
CA ASN A 146 32.77 1.81 -19.23
C ASN A 146 33.11 0.32 -19.39
N VAL A 147 32.06 -0.47 -19.66
CA VAL A 147 32.23 -1.88 -19.98
C VAL A 147 31.58 -2.19 -21.32
N ASP A 148 31.93 -3.36 -21.85
CA ASP A 148 31.34 -3.91 -23.06
C ASP A 148 30.25 -4.89 -22.66
N PRO A 149 28.97 -4.53 -22.80
CA PRO A 149 27.90 -5.42 -22.31
C PRO A 149 27.67 -6.65 -23.17
N THR A 150 28.31 -6.76 -24.32
CA THR A 150 28.26 -7.97 -25.13
C THR A 150 29.24 -9.02 -24.65
N ARG A 151 30.13 -8.66 -23.74
CA ARG A 151 31.10 -9.58 -23.12
C ARG A 151 30.87 -9.53 -21.61
N LEU A 152 29.78 -10.15 -21.18
CA LEU A 152 29.33 -10.11 -19.80
C LEU A 152 29.27 -11.55 -19.28
N ALA A 153 30.01 -11.81 -18.20
CA ALA A 153 30.02 -13.12 -17.56
C ALA A 153 29.46 -13.00 -16.16
N ILE A 154 28.93 -14.10 -15.66
CA ILE A 154 28.51 -14.22 -14.28
C ILE A 154 29.25 -15.37 -13.63
N ALA A 155 29.52 -15.23 -12.34
CA ALA A 155 30.35 -16.19 -11.63
C ALA A 155 30.00 -16.12 -10.16
N GLY A 156 30.23 -17.24 -9.47
CA GLY A 156 30.02 -17.27 -8.05
C GLY A 156 30.49 -18.56 -7.43
N ASP A 157 30.66 -18.52 -6.12
CA ASP A 157 31.08 -19.69 -5.35
C ASP A 157 30.03 -20.15 -4.35
N VAL A 159 26.93 -20.86 -2.44
CA VAL A 159 25.56 -20.31 -2.62
C VAL A 159 25.64 -19.30 -3.77
N GLY A 160 26.85 -18.75 -3.99
CA GLY A 160 27.01 -17.84 -5.11
C GLY A 160 26.94 -18.56 -6.44
N GLY A 161 27.29 -19.85 -6.44
CA GLY A 161 27.09 -20.67 -7.63
C GLY A 161 25.62 -21.02 -7.84
N ASN A 162 24.89 -21.23 -6.73
CA ASN A 162 23.43 -21.29 -6.79
C ASN A 162 22.87 -20.03 -7.48
N MET A 163 23.34 -18.85 -7.07
CA MET A 163 22.85 -17.62 -7.66
C MET A 163 23.23 -17.47 -9.11
N THR A 164 24.45 -17.89 -9.47
CA THR A 164 24.87 -17.90 -10.87
C THR A 164 23.89 -18.71 -11.72
N ALA A 165 23.59 -19.94 -11.30
CA ALA A 165 22.65 -20.78 -12.06
C ALA A 165 21.26 -20.17 -12.11
N VAL A 166 20.82 -19.57 -11.01
CA VAL A 166 19.47 -19.02 -10.99
C VAL A 166 19.38 -17.74 -11.82
N VAL A 167 20.44 -16.91 -11.79
CA VAL A 167 20.45 -15.75 -12.68
C VAL A 167 20.42 -16.20 -14.14
N SER A 168 21.15 -17.26 -14.48
CA SER A 168 21.09 -17.76 -15.85
C SER A 168 19.65 -18.17 -16.20
N LEU A 169 18.99 -18.87 -15.29
CA LEU A 169 17.62 -19.33 -15.53
C LEU A 169 16.66 -18.14 -15.66
N LEU A 170 16.75 -17.19 -14.73
CA LEU A 170 15.93 -15.98 -14.79
C LEU A 170 16.11 -15.23 -16.11
N ALA A 171 17.36 -15.09 -16.56
CA ALA A 171 17.63 -14.42 -17.83
C ALA A 171 16.98 -15.17 -18.99
N GLN A 172 16.94 -16.50 -18.93
CA GLN A 172 16.22 -17.25 -19.97
C GLN A 172 14.74 -16.92 -19.94
N GLU A 173 14.14 -16.87 -18.76
CA GLU A 173 12.70 -16.66 -18.65
C GLU A 173 12.31 -15.23 -19.04
N ARG A 174 13.19 -14.27 -18.78
CA ARG A 174 12.88 -12.86 -18.98
C ARG A 174 13.42 -12.33 -20.30
N GLY A 175 14.07 -13.18 -21.09
CA GLY A 175 14.56 -12.76 -22.39
C GLY A 175 15.84 -11.97 -22.36
N GLY A 176 16.57 -12.00 -21.27
CA GLY A 176 17.82 -11.29 -21.17
C GLY A 176 18.13 -10.99 -19.73
N PRO A 177 19.32 -10.41 -19.47
CA PRO A 177 20.31 -10.04 -20.48
C PRO A 177 21.09 -11.20 -21.06
N ASP A 178 21.75 -10.95 -22.21
CA ASP A 178 22.64 -11.94 -22.80
C ASP A 178 23.87 -12.14 -21.90
N ILE A 179 24.24 -13.40 -21.72
CA ILE A 179 25.37 -13.79 -20.89
C ILE A 179 26.37 -14.52 -21.77
N THR A 180 27.64 -14.15 -21.65
CA THR A 180 28.67 -14.74 -22.50
C THR A 180 29.18 -16.05 -21.95
N ALA A 181 29.24 -16.18 -20.62
CA ALA A 181 29.77 -17.37 -19.98
C ALA A 181 29.44 -17.29 -18.50
N GLN A 182 29.48 -18.45 -17.84
CA GLN A 182 29.17 -18.54 -16.41
C GLN A 182 30.10 -19.52 -15.73
N VAL A 183 30.57 -19.15 -14.54
CA VAL A 183 31.54 -19.94 -13.78
C VAL A 183 30.93 -20.22 -12.42
N LEU A 184 30.93 -21.49 -12.01
CA LEU A 184 30.35 -21.92 -10.76
C LEU A 184 31.38 -22.73 -9.98
N PHE A 185 31.87 -22.16 -8.89
CA PHE A 185 32.74 -22.88 -7.97
C PHE A 185 31.86 -23.63 -6.96
N TYR A 186 32.03 -24.96 -6.89
CA TYR A 186 31.36 -25.85 -5.95
C TYR A 186 29.98 -25.33 -5.60
N PRO A 187 29.07 -25.26 -6.58
CA PRO A 187 27.77 -24.63 -6.35
C PRO A 187 26.85 -25.48 -5.48
N VAL A 188 25.97 -24.79 -4.77
CA VAL A 188 24.78 -25.39 -4.17
C VAL A 188 23.70 -25.49 -5.25
N THR A 189 23.26 -26.71 -5.56
CA THR A 189 22.24 -26.90 -6.58
C THR A 189 21.04 -27.77 -6.14
N ASP A 190 21.09 -28.36 -4.95
CA ASP A 190 20.07 -29.30 -4.49
C ASP A 190 19.98 -29.16 -2.99
N ALA A 191 18.97 -29.82 -2.41
CA ALA A 191 18.81 -29.85 -0.96
C ALA A 191 18.57 -31.29 -0.49
N ASP A 192 19.18 -32.25 -1.18
CA ASP A 192 19.10 -33.66 -0.82
C ASP A 192 20.28 -33.97 0.08
N PHE A 193 20.05 -33.91 1.40
CA PHE A 193 21.09 -34.12 2.39
C PHE A 193 21.43 -35.59 2.60
N ASP A 194 20.92 -36.49 1.75
CA ASP A 194 21.21 -37.92 1.84
C ASP A 194 21.89 -38.48 0.60
N ASN A 195 22.35 -37.64 -0.32
CA ASN A 195 23.01 -38.17 -1.51
C ASN A 195 24.41 -38.67 -1.15
N GLY A 196 25.15 -39.10 -2.19
CA GLY A 196 26.40 -39.81 -1.96
C GLY A 196 27.42 -38.98 -1.20
N SER A 197 27.68 -37.75 -1.68
CA SER A 197 28.74 -36.96 -1.06
C SER A 197 28.28 -36.33 0.26
N TYR A 198 26.99 -36.02 0.40
CA TYR A 198 26.50 -35.62 1.72
C TYR A 198 26.74 -36.70 2.76
N THR A 199 26.49 -37.96 2.40
CA THR A 199 26.72 -39.07 3.32
C THR A 199 28.21 -39.22 3.62
N GLU A 200 29.03 -39.24 2.57
CA GLU A 200 30.46 -39.48 2.73
C GLU A 200 31.14 -38.37 3.54
N PHE A 201 30.65 -37.14 3.46
CA PHE A 201 31.30 -35.99 4.08
C PHE A 201 30.40 -35.28 5.07
N ALA A 202 29.42 -36.01 5.62
CA ALA A 202 28.46 -35.42 6.55
C ALA A 202 29.14 -34.74 7.72
N ASN A 203 30.30 -35.25 8.15
CA ASN A 203 31.01 -34.71 9.30
C ASN A 203 32.20 -33.84 8.92
N GLY A 204 32.27 -33.42 7.65
CA GLY A 204 33.36 -32.60 7.19
C GLY A 204 34.16 -33.29 6.10
N PRO A 205 35.32 -32.71 5.76
CA PRO A 205 35.95 -31.55 6.41
C PRO A 205 35.41 -30.17 6.07
N TRP A 206 35.50 -29.26 7.05
CA TRP A 206 35.14 -27.85 6.95
C TRP A 206 33.63 -27.63 6.87
N LEU A 207 32.98 -28.13 5.81
CA LEU A 207 31.55 -27.97 5.63
C LEU A 207 30.86 -29.28 6.02
N THR A 208 29.82 -29.18 6.85
CA THR A 208 29.15 -30.36 7.37
C THR A 208 27.67 -30.35 6.97
N LYS A 209 27.03 -31.50 7.14
CA LYS A 209 25.64 -31.67 6.78
C LYS A 209 24.74 -30.87 7.71
N PRO A 210 24.98 -30.88 9.03
CA PRO A 210 24.17 -30.01 9.90
C PRO A 210 24.32 -28.54 9.58
N ALA A 211 25.50 -28.10 9.12
CA ALA A 211 25.67 -26.70 8.71
C ALA A 211 24.83 -26.39 7.47
N MET A 212 24.83 -27.29 6.47
CA MET A 212 23.98 -27.08 5.30
C MET A 212 22.51 -27.02 5.69
N ASP A 213 22.06 -27.92 6.55
CA ASP A 213 20.69 -27.84 7.06
C ASP A 213 20.39 -26.46 7.66
N TRP A 214 21.32 -25.94 8.48
CA TRP A 214 21.13 -24.64 9.09
C TRP A 214 21.08 -23.52 8.04
N PHE A 215 22.06 -23.53 7.12
CA PHE A 215 22.13 -22.48 6.09
C PHE A 215 20.84 -22.42 5.28
N TRP A 216 20.39 -23.57 4.79
CA TRP A 216 19.14 -23.63 4.03
C TRP A 216 17.98 -23.08 4.84
N ASN A 217 17.96 -23.35 6.14
CA ASN A 217 16.86 -22.88 6.99
C ASN A 217 16.94 -21.38 7.22
N GLN A 218 18.14 -20.79 7.13
CA GLN A 218 18.26 -19.34 7.21
C GLN A 218 17.77 -18.69 5.91
N TYR A 219 18.00 -19.36 4.79
CA TYR A 219 17.72 -18.81 3.47
C TYR A 219 16.23 -18.87 3.15
N LEU A 220 15.57 -19.95 3.58
CA LEU A 220 14.23 -20.25 3.10
C LEU A 220 13.17 -20.13 4.20
N PRO A 221 12.00 -19.62 3.88
CA PRO A 221 10.88 -19.72 4.84
C PRO A 221 10.49 -21.17 5.06
N GLU A 222 10.03 -21.43 6.27
CA GLU A 222 9.61 -22.78 6.66
C GLU A 222 8.45 -23.24 5.77
N GLY A 223 8.59 -24.43 5.21
CA GLY A 223 7.54 -25.07 4.45
C GLY A 223 7.50 -24.76 2.97
N ILE A 224 8.41 -23.94 2.45
CA ILE A 224 8.40 -23.65 1.03
C ILE A 224 8.83 -24.91 0.26
N ASP A 225 8.34 -25.04 -0.96
CA ASP A 225 8.68 -26.18 -1.82
C ASP A 225 10.10 -25.97 -2.34
N ARG A 226 11.03 -26.80 -1.88
CA ARG A 226 12.44 -26.62 -2.23
C ARG A 226 12.79 -27.13 -3.62
N THR A 227 11.87 -27.78 -4.32
CA THR A 227 12.16 -28.30 -5.64
C THR A 227 12.01 -27.26 -6.74
N ASP A 228 11.54 -26.06 -6.42
CA ASP A 228 11.48 -25.00 -7.41
C ASP A 228 12.88 -24.76 -7.98
N PRO A 229 13.05 -24.67 -9.30
CA PRO A 229 14.41 -24.52 -9.86
C PRO A 229 15.09 -23.20 -9.51
N LYS A 230 14.34 -22.16 -9.12
CA LYS A 230 14.95 -20.94 -8.63
C LYS A 230 15.54 -21.12 -7.24
N ILE A 231 15.29 -22.25 -6.61
CA ILE A 231 15.85 -22.60 -5.31
C ILE A 231 16.88 -23.70 -5.43
N THR A 232 16.52 -24.80 -6.09
CA THR A 232 17.43 -25.91 -6.38
C THR A 232 17.48 -26.07 -7.89
N PRO A 233 18.46 -25.46 -8.56
CA PRO A 233 18.47 -25.48 -10.04
C PRO A 233 18.75 -26.86 -10.61
N ILE A 234 19.11 -27.84 -9.78
CA ILE A 234 19.16 -29.22 -10.27
C ILE A 234 17.81 -29.64 -10.86
N HIS A 235 16.73 -28.99 -10.44
CA HIS A 235 15.41 -29.36 -10.94
C HIS A 235 14.97 -28.57 -12.17
N ALA A 236 15.88 -27.80 -12.78
CA ALA A 236 15.50 -27.01 -13.93
C ALA A 236 15.19 -27.92 -15.12
N THR A 237 14.23 -27.49 -15.92
CA THR A 237 13.84 -28.26 -17.07
C THR A 237 14.84 -28.07 -18.22
N SER A 238 14.76 -28.98 -19.19
CA SER A 238 15.61 -28.86 -20.37
C SER A 238 15.42 -27.50 -21.03
N GLU A 239 14.18 -27.03 -21.10
CA GLU A 239 13.94 -25.76 -21.78
C GLU A 239 14.47 -24.57 -20.98
N GLN A 240 14.58 -24.70 -19.65
CA GLN A 240 15.15 -23.62 -18.86
C GLN A 240 16.68 -23.59 -18.97
N LEU A 241 17.31 -24.74 -19.24
CA LEU A 241 18.76 -24.84 -19.29
C LEU A 241 19.28 -24.65 -20.70
N SER A 242 18.57 -25.16 -21.69
CA SER A 242 19.03 -25.06 -23.06
C SER A 242 19.12 -23.60 -23.44
N GLY A 243 20.14 -23.25 -24.21
CA GLY A 243 20.34 -21.87 -24.59
C GLY A 243 21.12 -21.04 -23.60
N GLN A 244 21.47 -21.58 -22.44
CA GLN A 244 22.27 -20.82 -21.50
C GLN A 244 23.72 -20.70 -21.99
N ALA A 245 24.45 -19.79 -21.38
CA ALA A 245 25.83 -19.55 -21.75
C ALA A 245 26.72 -20.76 -21.41
N PRO A 246 27.82 -20.94 -22.14
CA PRO A 246 28.83 -21.94 -21.74
C PRO A 246 29.17 -21.81 -20.27
N ALA A 247 29.34 -22.94 -19.61
CA ALA A 247 29.60 -22.98 -18.18
C ALA A 247 30.89 -23.71 -17.83
N LEU A 248 31.56 -23.21 -16.81
CA LEU A 248 32.65 -23.90 -16.14
C LEU A 248 32.18 -24.23 -14.73
N VAL A 249 32.18 -25.52 -14.40
CA VAL A 249 31.79 -26.00 -13.08
C VAL A 249 33.00 -26.69 -12.45
N ILE A 250 33.43 -26.18 -11.30
CA ILE A 250 34.60 -26.73 -10.61
C ILE A 250 34.11 -27.28 -9.28
N THR A 251 34.42 -28.54 -9.02
CA THR A 251 34.05 -29.15 -7.74
C THR A 251 35.30 -29.53 -6.96
N ALA A 252 35.09 -29.78 -5.68
CA ALA A 252 36.11 -30.28 -4.76
C ALA A 252 35.79 -31.74 -4.43
N GLU A 253 36.82 -32.59 -4.40
CA GLU A 253 36.61 -34.01 -4.19
C GLU A 253 35.95 -34.27 -2.85
N ASN A 254 36.31 -33.51 -1.82
CA ASN A 254 35.93 -33.80 -0.43
C ASN A 254 35.03 -32.68 0.08
N ASP A 255 33.77 -32.75 -0.33
CA ASP A 255 32.81 -31.68 -0.17
C ASP A 255 31.43 -32.31 -0.29
N VAL A 256 30.56 -32.04 0.70
CA VAL A 256 29.19 -32.56 0.65
C VAL A 256 28.50 -32.16 -0.65
N LEU A 257 28.84 -30.96 -1.17
CA LEU A 257 28.21 -30.44 -2.37
C LEU A 257 28.74 -31.02 -3.66
N ARG A 258 29.78 -31.87 -3.61
CA ARG A 258 30.40 -32.34 -4.84
C ARG A 258 29.40 -32.96 -5.79
N ASP A 259 28.57 -33.89 -5.29
CA ASP A 259 27.74 -34.67 -6.18
C ASP A 259 26.68 -33.80 -6.86
N GLU A 260 26.08 -32.88 -6.12
CA GLU A 260 25.02 -32.06 -6.71
C GLU A 260 25.62 -31.08 -7.73
N GLY A 261 26.83 -30.57 -7.47
CA GLY A 261 27.47 -29.72 -8.46
C GLY A 261 27.73 -30.47 -9.75
N GLU A 262 28.28 -31.70 -9.65
CA GLU A 262 28.56 -32.48 -10.86
C GLU A 262 27.27 -32.96 -11.52
N ALA A 263 26.25 -33.30 -10.74
CA ALA A 263 24.96 -33.69 -11.33
C ALA A 263 24.35 -32.52 -12.09
N TYR A 264 24.44 -31.31 -11.54
CA TYR A 264 23.92 -30.14 -12.24
C TYR A 264 24.65 -29.90 -13.55
N ALA A 265 25.98 -30.02 -13.54
CA ALA A 265 26.73 -29.90 -14.78
C ALA A 265 26.29 -30.92 -15.82
N ARG A 266 25.98 -32.15 -15.39
CA ARG A 266 25.46 -33.14 -16.34
C ARG A 266 24.14 -32.68 -16.94
N LYS A 267 23.24 -32.16 -16.10
CA LYS A 267 21.94 -31.69 -16.59
C LYS A 267 22.12 -30.59 -17.62
N LEU A 268 22.99 -29.62 -17.32
CA LEU A 268 23.30 -28.57 -18.29
C LEU A 268 23.82 -29.14 -19.60
N SER A 269 24.77 -30.08 -19.50
CA SER A 269 25.40 -30.62 -20.70
C SER A 269 24.38 -31.37 -21.56
N GLN A 270 23.49 -32.12 -20.93
CA GLN A 270 22.49 -32.88 -21.66
C GLN A 270 21.39 -32.00 -22.22
N ALA A 271 21.31 -30.75 -21.79
CA ALA A 271 20.44 -29.76 -22.39
C ALA A 271 21.09 -29.04 -23.56
N GLY A 272 22.34 -29.38 -23.91
CA GLY A 272 23.03 -28.80 -25.03
C GLY A 272 23.97 -27.66 -24.70
N VAL A 273 24.16 -27.35 -23.43
CA VAL A 273 25.08 -26.28 -23.04
C VAL A 273 26.49 -26.83 -22.99
N ASP A 274 27.45 -26.04 -23.46
CA ASP A 274 28.88 -26.37 -23.44
C ASP A 274 29.38 -26.24 -22.01
N VAL A 275 29.59 -27.37 -21.34
CA VAL A 275 29.94 -27.41 -19.93
C VAL A 275 31.34 -28.00 -19.74
N THR A 276 32.23 -27.19 -19.19
CA THR A 276 33.54 -27.66 -18.75
C THR A 276 33.40 -27.97 -17.26
N VAL A 277 33.61 -29.23 -16.88
CA VAL A 277 33.37 -29.65 -15.50
C VAL A 277 34.59 -30.41 -15.00
N THR A 278 35.18 -29.92 -13.90
N THR A 278 35.14 -29.95 -13.88
CA THR A 278 36.43 -30.45 -13.39
CA THR A 278 36.43 -30.40 -13.38
C THR A 278 36.34 -30.62 -11.89
C THR A 278 36.36 -30.60 -11.88
N ARG A 279 36.73 -31.79 -11.42
CA ARG A 279 36.84 -32.08 -10.01
C ARG A 279 38.31 -31.99 -9.59
N TYR A 280 38.60 -31.22 -8.55
CA TYR A 280 39.96 -31.14 -7.99
C TYR A 280 40.08 -32.12 -6.82
N ASN A 281 40.96 -33.10 -6.97
CA ASN A 281 41.17 -34.06 -5.89
C ASN A 281 42.07 -33.46 -4.81
N GLY A 282 41.87 -33.95 -3.58
CA GLY A 282 42.75 -33.60 -2.48
C GLY A 282 42.40 -32.31 -1.78
N THR A 283 41.31 -31.65 -2.15
CA THR A 283 40.93 -30.39 -1.55
C THR A 283 39.48 -30.45 -1.06
N ILE A 284 39.00 -29.32 -0.56
CA ILE A 284 37.80 -29.25 0.25
C ILE A 284 36.93 -28.12 -0.24
N HIS A 285 35.73 -28.05 0.33
CA HIS A 285 34.85 -26.91 0.12
C HIS A 285 35.57 -25.60 0.38
N ASP A 286 35.19 -24.56 -0.37
CA ASP A 286 35.68 -23.20 -0.20
C ASP A 286 37.14 -23.02 -0.59
N PHE A 287 37.69 -23.92 -1.42
CA PHE A 287 39.15 -23.93 -1.61
C PHE A 287 39.67 -22.82 -2.52
N VAL A 288 38.81 -22.10 -3.25
CA VAL A 288 39.30 -20.95 -4.01
C VAL A 288 39.06 -19.65 -3.28
N MET A 289 38.38 -19.67 -2.14
CA MET A 289 38.18 -18.48 -1.32
C MET A 289 39.14 -18.37 -0.15
N LEU A 290 39.41 -19.48 0.57
CA LEU A 290 40.08 -19.40 1.86
C LEU A 290 41.56 -19.02 1.68
N ASN A 291 41.97 -17.95 2.38
CA ASN A 291 43.37 -17.51 2.30
C ASN A 291 44.32 -18.61 2.73
N VAL A 292 43.95 -19.37 3.75
CA VAL A 292 44.82 -20.41 4.28
C VAL A 292 45.17 -21.46 3.24
N LEU A 293 44.34 -21.62 2.20
CA LEU A 293 44.60 -22.59 1.14
C LEU A 293 45.12 -21.93 -0.14
N ALA A 294 45.40 -20.63 -0.11
CA ALA A 294 45.70 -19.90 -1.35
C ALA A 294 46.95 -20.42 -2.06
N ASP A 295 47.88 -21.06 -1.35
N ASP A 295 47.88 -21.07 -1.35
CA ASP A 295 49.09 -21.58 -1.96
CA ASP A 295 49.09 -21.59 -1.97
C ASP A 295 49.00 -23.07 -2.25
C ASP A 295 49.01 -23.08 -2.23
N THR A 296 47.85 -23.71 -2.03
CA THR A 296 47.75 -25.13 -2.32
C THR A 296 47.57 -25.35 -3.83
N PRO A 297 47.99 -26.50 -4.34
CA PRO A 297 47.92 -26.70 -5.81
C PRO A 297 46.50 -26.60 -6.36
N ALA A 298 45.51 -27.09 -5.61
CA ALA A 298 44.14 -27.05 -6.10
C ALA A 298 43.64 -25.61 -6.22
N ALA A 299 43.87 -24.80 -5.19
CA ALA A 299 43.46 -23.40 -5.24
C ALA A 299 44.12 -22.67 -6.40
N LYS A 300 45.42 -22.82 -6.53
CA LYS A 300 46.14 -22.15 -7.61
C LYS A 300 45.65 -22.64 -8.97
N GLY A 301 45.45 -23.95 -9.10
CA GLY A 301 45.04 -24.49 -10.40
C GLY A 301 43.63 -24.08 -10.77
N ALA A 302 42.72 -24.12 -9.81
CA ALA A 302 41.32 -23.81 -10.12
C ALA A 302 41.15 -22.31 -10.40
N ILE A 303 41.83 -21.45 -9.65
CA ILE A 303 41.73 -20.01 -9.93
C ILE A 303 42.36 -19.70 -11.28
N ALA A 304 43.47 -20.37 -11.60
CA ALA A 304 44.09 -20.17 -12.91
C ALA A 304 43.19 -20.66 -14.02
N GLN A 305 42.57 -21.83 -13.84
CA GLN A 305 41.65 -22.36 -14.84
C GLN A 305 40.47 -21.42 -15.05
N ALA A 306 39.86 -20.94 -13.97
CA ALA A 306 38.72 -20.04 -14.07
C ALA A 306 39.12 -18.72 -14.73
N GLY A 307 40.28 -18.17 -14.32
CA GLY A 307 40.72 -16.92 -14.89
C GLY A 307 40.98 -17.03 -16.37
N GLN A 308 41.56 -18.15 -16.81
CA GLN A 308 41.84 -18.35 -18.22
C GLN A 308 40.55 -18.62 -19.01
N TYR A 309 39.64 -19.41 -18.42
CA TYR A 309 38.33 -19.65 -19.03
C TYR A 309 37.60 -18.34 -19.28
N LEU A 310 37.61 -17.44 -18.29
CA LEU A 310 36.93 -16.16 -18.42
C LEU A 310 37.66 -15.23 -19.40
N HIS A 311 39.00 -15.23 -19.37
CA HIS A 311 39.71 -14.39 -20.32
C HIS A 311 39.40 -14.78 -21.76
N THR A 312 39.43 -16.08 -22.05
CA THR A 312 39.09 -16.56 -23.39
C THR A 312 37.65 -16.23 -23.75
N ALA A 313 36.72 -16.41 -22.80
CA ALA A 313 35.33 -16.11 -23.07
C ALA A 313 35.12 -14.62 -23.34
N LEU A 314 35.79 -13.77 -22.57
CA LEU A 314 35.56 -12.34 -22.61
C LEU A 314 36.45 -11.60 -23.59
N HIS A 315 37.55 -12.20 -24.05
CA HIS A 315 38.44 -11.53 -25.00
C HIS A 315 38.70 -12.32 -26.27
N GLY A 316 38.34 -13.59 -26.34
CA GLY A 316 38.57 -14.37 -27.55
C GLY A 316 37.75 -13.87 -28.73
N VAL B 3 10.33 0.64 -10.13
CA VAL B 3 10.68 1.46 -8.95
C VAL B 3 9.39 1.78 -8.13
N LEU B 4 9.46 1.47 -6.84
CA LEU B 4 8.35 1.65 -5.92
C LEU B 4 8.42 2.99 -5.19
N GLU B 5 7.23 3.56 -4.95
CA GLU B 5 7.13 4.73 -4.09
C GLU B 5 7.79 4.45 -2.73
N PRO B 6 8.43 5.45 -2.11
CA PRO B 6 9.29 5.13 -0.94
C PRO B 6 8.59 4.46 0.23
N THR B 7 7.42 4.93 0.64
CA THR B 7 6.73 4.23 1.74
C THR B 7 6.35 2.81 1.33
N THR B 8 5.89 2.65 0.10
CA THR B 8 5.57 1.31 -0.42
C THR B 8 6.82 0.42 -0.39
N GLN B 9 7.95 0.95 -0.87
CA GLN B 9 9.20 0.21 -0.85
C GLN B 9 9.55 -0.21 0.57
N LYS B 10 9.36 0.69 1.54
CA LYS B 10 9.70 0.39 2.93
C LYS B 10 8.82 -0.72 3.49
N PHE B 11 7.53 -0.72 3.13
CA PHE B 11 6.66 -1.83 3.50
C PHE B 11 7.18 -3.15 2.94
N ILE B 12 7.52 -3.18 1.64
CA ILE B 12 8.04 -4.38 1.01
C ILE B 12 9.32 -4.85 1.71
N ASN B 13 10.22 -3.92 2.02
CA ASN B 13 11.45 -4.30 2.70
C ASN B 13 11.19 -4.89 4.08
N ALA B 14 10.17 -4.40 4.78
CA ALA B 14 9.79 -5.02 6.06
C ALA B 14 9.44 -6.49 5.90
N LEU B 15 9.13 -6.95 4.68
CA LEU B 15 8.70 -8.32 4.42
C LEU B 15 9.83 -9.19 3.90
N SER B 16 11.07 -8.72 3.97
CA SER B 16 12.15 -9.39 3.26
C SER B 16 12.49 -10.75 3.84
N ALA B 17 12.05 -11.05 5.08
CA ALA B 17 12.27 -12.38 5.65
C ALA B 17 11.09 -13.34 5.44
N SER B 18 10.06 -12.92 4.73
CA SER B 18 8.81 -13.68 4.64
C SER B 18 8.74 -14.60 3.42
N GLY B 19 9.62 -14.43 2.44
CA GLY B 19 9.67 -15.33 1.30
C GLY B 19 8.62 -15.12 0.25
N GLY B 20 8.23 -13.87 -0.01
CA GLY B 20 7.28 -13.59 -1.05
C GLY B 20 6.43 -12.35 -0.79
N PRO B 21 5.64 -12.35 0.31
CA PRO B 21 5.47 -13.41 1.32
C PRO B 21 5.04 -14.76 0.78
N ALA B 22 5.51 -15.83 1.45
CA ALA B 22 5.13 -17.21 1.10
C ALA B 22 3.81 -17.59 1.79
N ILE B 23 2.79 -16.76 1.53
CA ILE B 23 1.45 -16.97 2.13
C ILE B 23 0.91 -18.36 1.81
N TYR B 24 1.29 -18.92 0.65
CA TYR B 24 0.82 -20.22 0.20
C TYR B 24 1.37 -21.39 1.02
N THR B 25 2.27 -21.14 1.95
CA THR B 25 2.80 -22.19 2.82
C THR B 25 1.95 -22.36 4.07
N LEU B 26 0.92 -21.53 4.27
CA LEU B 26 0.11 -21.55 5.48
C LEU B 26 -1.22 -22.22 5.21
N THR B 27 -1.89 -22.64 6.29
CA THR B 27 -3.25 -23.12 6.17
C THR B 27 -4.17 -21.94 5.83
N PRO B 28 -5.35 -22.21 5.26
CA PRO B 28 -6.34 -21.12 5.07
C PRO B 28 -6.61 -20.30 6.31
N ALA B 29 -6.80 -20.95 7.47
CA ALA B 29 -7.09 -20.21 8.70
C ALA B 29 -5.91 -19.33 9.11
N GLU B 30 -4.69 -19.86 8.99
CA GLU B 30 -3.50 -19.07 9.32
C GLU B 30 -3.35 -17.90 8.37
N ALA B 31 -3.56 -18.15 7.07
CA ALA B 31 -3.46 -17.06 6.09
C ALA B 31 -4.48 -15.98 6.39
N ARG B 32 -5.70 -16.37 6.75
CA ARG B 32 -6.73 -15.36 7.04
C ARG B 32 -6.30 -14.47 8.21
N ASP B 33 -5.72 -15.06 9.25
CA ASP B 33 -5.29 -14.32 10.42
C ASP B 33 -4.11 -13.43 10.11
N VAL B 34 -3.23 -13.85 9.20
CA VAL B 34 -2.12 -13.00 8.79
C VAL B 34 -2.64 -11.69 8.19
N LEU B 35 -3.53 -11.81 7.19
CA LEU B 35 -4.07 -10.61 6.55
C LEU B 35 -4.93 -9.80 7.53
N SER B 36 -5.75 -10.48 8.33
CA SER B 36 -6.60 -9.79 9.29
C SER B 36 -5.74 -9.03 10.30
N GLY B 37 -4.60 -9.61 10.69
CA GLY B 37 -3.70 -8.91 11.58
C GLY B 37 -3.02 -7.71 10.92
N ALA B 38 -2.55 -7.89 9.68
CA ALA B 38 -1.93 -6.77 8.97
C ALA B 38 -2.89 -5.59 8.83
N GLN B 39 -4.20 -5.85 8.87
CA GLN B 39 -5.24 -4.85 8.62
C GLN B 39 -5.96 -4.40 9.89
N SER B 40 -5.40 -4.69 11.05
CA SER B 40 -6.15 -4.56 12.30
C SER B 40 -6.26 -3.13 12.81
N GLY B 41 -6.26 -2.17 11.91
CA GLY B 41 -6.32 -0.75 12.26
C GLY B 41 -7.69 -0.15 11.98
N GLU B 42 -8.18 0.66 12.93
CA GLU B 42 -9.31 1.54 12.71
C GLU B 42 -8.87 2.93 12.28
N ILE B 43 -7.63 3.03 11.78
CA ILE B 43 -6.99 4.28 11.37
C ILE B 43 -7.91 5.03 10.42
N ALA B 44 -7.60 6.30 10.15
CA ALA B 44 -8.43 7.18 9.34
C ALA B 44 -9.45 6.41 8.51
N LYS B 45 -10.69 6.35 9.00
CA LYS B 45 -11.77 5.70 8.27
C LYS B 45 -13.02 6.57 8.37
N PRO B 46 -13.76 6.72 7.28
CA PRO B 46 -15.01 7.49 7.34
C PRO B 46 -16.04 6.80 8.21
N ALA B 47 -16.97 7.58 8.75
CA ALA B 47 -17.98 7.05 9.65
C ALA B 47 -19.13 6.45 8.84
N VAL B 48 -19.58 5.24 9.22
CA VAL B 48 -20.72 4.61 8.58
C VAL B 48 -21.57 3.91 9.63
N ASP B 49 -22.88 3.76 9.31
CA ASP B 49 -23.77 2.87 10.03
C ASP B 49 -23.65 1.46 9.44
N ILE B 50 -23.73 0.45 10.30
CA ILE B 50 -23.50 -0.94 9.89
C ILE B 50 -24.71 -1.79 10.25
N THR B 51 -25.12 -2.65 9.31
CA THR B 51 -26.07 -3.72 9.57
C THR B 51 -25.54 -5.04 9.02
N ASP B 52 -25.20 -5.97 9.90
CA ASP B 52 -24.79 -7.32 9.54
C ASP B 52 -26.04 -8.20 9.49
N THR B 53 -26.23 -8.92 8.39
CA THR B 53 -27.38 -9.79 8.24
C THR B 53 -27.07 -10.86 7.20
N THR B 54 -28.08 -11.66 6.90
CA THR B 54 -27.95 -12.76 5.94
C THR B 54 -29.15 -12.70 5.01
N PHE B 55 -28.90 -12.78 3.71
CA PHE B 55 -29.96 -12.86 2.70
C PHE B 55 -30.15 -14.34 2.36
N ALA B 56 -31.41 -14.79 2.28
CA ALA B 56 -31.70 -16.20 2.03
C ALA B 56 -31.64 -16.48 0.53
N VAL B 57 -30.48 -16.26 -0.06
CA VAL B 57 -30.29 -16.38 -1.50
C VAL B 57 -28.93 -17.00 -1.78
N GLY B 58 -28.76 -17.42 -3.02
CA GLY B 58 -27.54 -18.05 -3.46
C GLY B 58 -27.63 -19.57 -3.48
N PRO B 59 -26.58 -20.20 -4.01
CA PRO B 59 -26.65 -21.64 -4.28
C PRO B 59 -26.63 -22.51 -3.03
N THR B 60 -26.29 -21.96 -1.87
CA THR B 60 -26.35 -22.66 -0.59
C THR B 60 -27.51 -22.21 0.28
N GLY B 61 -28.36 -21.30 -0.21
CA GLY B 61 -29.54 -20.87 0.50
C GLY B 61 -29.36 -19.68 1.40
N ALA B 62 -28.14 -19.20 1.59
CA ALA B 62 -27.86 -18.12 2.53
C ALA B 62 -26.56 -17.45 2.11
N THR B 63 -26.54 -16.12 2.16
CA THR B 63 -25.33 -15.34 1.89
C THR B 63 -25.23 -14.23 2.95
N LYS B 64 -24.12 -14.26 3.71
CA LYS B 64 -23.87 -13.25 4.73
C LYS B 64 -23.46 -11.94 4.05
N VAL B 65 -24.01 -10.84 4.53
CA VAL B 65 -23.73 -9.52 3.97
C VAL B 65 -23.58 -8.52 5.11
N ARG B 66 -22.78 -7.49 4.86
CA ARG B 66 -22.71 -6.33 5.74
C ARG B 66 -23.16 -5.14 4.91
N ILE B 67 -24.19 -4.46 5.39
CA ILE B 67 -24.72 -3.26 4.73
C ILE B 67 -24.20 -2.06 5.49
N ILE B 68 -23.61 -1.11 4.76
CA ILE B 68 -23.13 0.11 5.38
C ILE B 68 -23.71 1.29 4.62
N ARG B 69 -23.79 2.41 5.33
CA ARG B 69 -24.31 3.67 4.80
C ARG B 69 -23.55 4.79 5.48
N PRO B 70 -23.39 5.94 4.81
CA PRO B 70 -22.78 7.10 5.51
C PRO B 70 -23.53 7.37 6.80
N GLN B 71 -22.78 7.64 7.86
CA GLN B 71 -23.35 7.71 9.20
C GLN B 71 -24.47 8.74 9.28
N GLY B 72 -25.61 8.33 9.83
CA GLY B 72 -26.73 9.22 10.01
C GLY B 72 -27.59 9.46 8.79
N ASN B 73 -27.22 8.93 7.62
CA ASN B 73 -27.96 9.21 6.41
C ASN B 73 -29.16 8.29 6.30
N THR B 74 -30.37 8.87 6.25
CA THR B 74 -31.60 8.08 6.17
C THR B 74 -32.27 8.16 4.80
N ASP B 75 -31.64 8.80 3.82
CA ASP B 75 -32.24 8.91 2.51
C ASP B 75 -32.19 7.58 1.76
N ARG B 76 -33.07 7.47 0.76
CA ARG B 76 -33.05 6.37 -0.20
C ARG B 76 -31.85 6.57 -1.10
N LEU B 77 -30.80 5.85 -0.83
CA LEU B 77 -29.52 6.08 -1.49
C LEU B 77 -29.32 5.15 -2.69
N PRO B 78 -28.53 5.57 -3.68
CA PRO B 78 -27.98 4.60 -4.62
C PRO B 78 -27.20 3.55 -3.85
N VAL B 79 -26.85 2.46 -4.52
CA VAL B 79 -26.31 1.31 -3.81
C VAL B 79 -25.16 0.68 -4.60
N ILE B 80 -24.10 0.32 -3.87
CA ILE B 80 -22.96 -0.42 -4.40
C ILE B 80 -23.03 -1.83 -3.80
N VAL B 81 -22.94 -2.84 -4.65
CA VAL B 81 -22.73 -4.21 -4.18
C VAL B 81 -21.25 -4.52 -4.39
N TYR B 82 -20.56 -4.86 -3.29
CA TYR B 82 -19.11 -4.94 -3.28
C TYR B 82 -18.62 -6.38 -3.06
N PHE B 83 -17.66 -6.78 -3.88
CA PHE B 83 -17.04 -8.11 -3.82
C PHE B 83 -15.56 -7.98 -3.50
N HIS B 84 -15.17 -8.47 -2.33
CA HIS B 84 -13.83 -8.25 -1.80
C HIS B 84 -12.83 -9.26 -2.38
N GLY B 85 -11.56 -8.87 -2.37
CA GLY B 85 -10.49 -9.73 -2.84
C GLY B 85 -9.75 -10.39 -1.71
N ALA B 86 -8.54 -10.87 -2.03
CA ALA B 86 -7.58 -11.57 -1.19
C ALA B 86 -7.57 -13.07 -1.52
N GLY B 87 -7.62 -13.42 -2.81
CA GLY B 87 -7.23 -14.75 -3.27
C GLY B 87 -8.26 -15.85 -3.15
N TRP B 88 -9.51 -15.50 -2.87
CA TRP B 88 -10.62 -16.41 -2.58
C TRP B 88 -10.48 -17.05 -1.20
N VAL B 89 -9.25 -17.17 -0.71
CA VAL B 89 -9.00 -17.80 0.57
C VAL B 89 -9.22 -16.84 1.73
N MET B 90 -8.77 -15.60 1.59
CA MET B 90 -8.67 -14.64 2.68
C MET B 90 -9.68 -13.50 2.49
N GLY B 91 -9.66 -12.55 3.41
CA GLY B 91 -10.50 -11.37 3.31
C GLY B 91 -11.81 -11.51 4.06
N ASP B 92 -12.28 -10.38 4.61
CA ASP B 92 -13.47 -10.36 5.47
C ASP B 92 -13.84 -8.88 5.65
N THR B 93 -14.91 -8.65 6.43
CA THR B 93 -15.37 -7.29 6.68
C THR B 93 -14.27 -6.41 7.28
N GLY B 94 -13.33 -7.00 8.01
CA GLY B 94 -12.27 -6.24 8.62
C GLY B 94 -11.16 -5.81 7.67
N THR B 95 -10.71 -6.74 6.82
CA THR B 95 -9.59 -6.44 5.94
C THR B 95 -9.94 -5.33 4.96
N HIS B 96 -11.21 -5.22 4.54
CA HIS B 96 -11.62 -4.28 3.50
C HIS B 96 -12.44 -3.12 4.07
N ASP B 97 -12.52 -3.03 5.40
CA ASP B 97 -13.35 -2.03 6.06
C ASP B 97 -13.03 -0.61 5.58
N ARG B 98 -11.78 -0.19 5.68
CA ARG B 98 -11.46 1.19 5.33
C ARG B 98 -11.79 1.48 3.86
N LEU B 99 -11.43 0.57 2.97
CA LEU B 99 -11.68 0.77 1.55
C LEU B 99 -13.18 0.95 1.26
N VAL B 100 -14.01 0.07 1.81
CA VAL B 100 -15.42 0.14 1.40
C VAL B 100 -16.11 1.33 2.07
N ARG B 101 -15.67 1.70 3.28
CA ARG B 101 -16.18 2.94 3.89
C ARG B 101 -15.88 4.16 3.02
N GLU B 102 -14.69 4.22 2.43
CA GLU B 102 -14.34 5.33 1.55
C GLU B 102 -15.25 5.35 0.33
N LEU B 103 -15.48 4.19 -0.28
CA LEU B 103 -16.34 4.14 -1.45
C LEU B 103 -17.77 4.55 -1.09
N SER B 104 -18.28 4.05 0.03
CA SER B 104 -19.64 4.38 0.44
C SER B 104 -19.81 5.88 0.66
N VAL B 105 -18.89 6.49 1.41
CA VAL B 105 -19.03 7.90 1.76
C VAL B 105 -18.72 8.80 0.57
N ARG B 106 -17.70 8.44 -0.22
CA ARG B 106 -17.36 9.25 -1.38
C ARG B 106 -18.43 9.15 -2.47
N ALA B 107 -19.01 7.96 -2.63
CA ALA B 107 -20.09 7.78 -3.59
C ALA B 107 -21.42 8.27 -3.05
N ASN B 108 -21.51 8.55 -1.75
CA ASN B 108 -22.74 8.80 -1.04
C ASN B 108 -23.78 7.75 -1.39
N ALA B 109 -23.44 6.51 -1.02
CA ALA B 109 -24.23 5.36 -1.44
C ALA B 109 -24.23 4.33 -0.31
N ALA B 110 -25.33 3.61 -0.22
CA ALA B 110 -25.30 2.37 0.55
C ALA B 110 -24.34 1.40 -0.16
N LEU B 111 -23.74 0.51 0.63
CA LEU B 111 -22.83 -0.50 0.09
C LEU B 111 -23.14 -1.83 0.76
N VAL B 112 -23.37 -2.85 -0.05
CA VAL B 112 -23.68 -4.19 0.42
C VAL B 112 -22.42 -5.02 0.20
N PHE B 113 -21.70 -5.31 1.28
CA PHE B 113 -20.49 -6.11 1.26
C PHE B 113 -20.86 -7.58 1.32
N VAL B 114 -20.62 -8.31 0.23
CA VAL B 114 -20.96 -9.74 0.17
C VAL B 114 -19.87 -10.54 0.85
N ASP B 115 -20.21 -11.16 1.99
CA ASP B 115 -19.28 -12.03 2.71
C ASP B 115 -19.45 -13.48 2.21
N TYR B 116 -19.01 -13.66 0.96
CA TYR B 116 -19.17 -14.91 0.26
C TYR B 116 -18.34 -16.05 0.91
N GLU B 117 -18.74 -17.27 0.60
CA GLU B 117 -18.02 -18.45 1.11
C GLU B 117 -16.62 -18.53 0.48
N ARG B 118 -15.59 -18.53 1.32
CA ARG B 118 -14.21 -18.52 0.86
C ARG B 118 -13.72 -19.94 0.60
N SER B 119 -12.69 -20.02 -0.23
CA SER B 119 -12.02 -21.25 -0.59
C SER B 119 -10.89 -21.55 0.41
N PRO B 120 -10.45 -22.81 0.50
CA PRO B 120 -10.92 -23.98 -0.27
C PRO B 120 -12.19 -24.63 0.28
N GLU B 121 -12.72 -24.16 1.40
CA GLU B 121 -13.94 -24.74 1.94
C GLU B 121 -15.06 -24.73 0.88
N ALA B 122 -15.32 -23.57 0.29
CA ALA B 122 -16.15 -23.48 -0.91
C ALA B 122 -15.25 -23.43 -2.14
N ARG B 123 -15.78 -23.95 -3.25
CA ARG B 123 -15.11 -23.88 -4.54
C ARG B 123 -16.00 -23.13 -5.52
N TYR B 124 -15.42 -22.80 -6.66
CA TYR B 124 -16.19 -22.35 -7.81
C TYR B 124 -17.33 -23.35 -8.07
N PRO B 125 -18.56 -22.88 -8.40
CA PRO B 125 -18.98 -21.49 -8.60
C PRO B 125 -19.78 -20.86 -7.47
N VAL B 126 -19.53 -21.30 -6.23
CA VAL B 126 -20.40 -20.86 -5.12
C VAL B 126 -20.37 -19.34 -4.98
N ALA B 127 -19.17 -18.74 -4.96
CA ALA B 127 -19.07 -17.33 -4.63
C ALA B 127 -19.65 -16.45 -5.73
N ILE B 128 -19.43 -16.78 -7.00
CA ILE B 128 -19.98 -15.92 -8.04
C ILE B 128 -21.50 -16.00 -8.06
N GLU B 129 -22.04 -17.20 -7.81
CA GLU B 129 -23.48 -17.36 -7.75
C GLU B 129 -24.06 -16.65 -6.53
N GLN B 130 -23.36 -16.69 -5.39
CA GLN B 130 -23.79 -15.89 -4.25
C GLN B 130 -23.74 -14.40 -4.60
N ASP B 131 -22.65 -13.96 -5.26
CA ASP B 131 -22.50 -12.56 -5.62
C ASP B 131 -23.64 -12.12 -6.52
N TYR B 132 -23.94 -12.90 -7.55
CA TYR B 132 -25.01 -12.52 -8.47
C TYR B 132 -26.35 -12.54 -7.76
N ALA B 133 -26.57 -13.53 -6.90
CA ALA B 133 -27.85 -13.63 -6.20
C ALA B 133 -28.07 -12.43 -5.27
N VAL B 134 -27.01 -11.97 -4.61
CA VAL B 134 -27.18 -10.81 -3.73
C VAL B 134 -27.45 -9.56 -4.57
N THR B 135 -26.75 -9.40 -5.69
CA THR B 135 -26.99 -8.25 -6.57
C THR B 135 -28.44 -8.22 -7.03
N LYS B 136 -28.94 -9.36 -7.48
CA LYS B 136 -30.36 -9.46 -7.83
C LYS B 136 -31.26 -9.16 -6.64
N TYR B 137 -30.93 -9.73 -5.48
CA TYR B 137 -31.74 -9.48 -4.29
C TYR B 137 -31.84 -8.00 -3.98
N VAL B 138 -30.71 -7.28 -4.03
CA VAL B 138 -30.69 -5.85 -3.73
C VAL B 138 -31.57 -5.10 -4.71
N ALA B 139 -31.48 -5.44 -6.00
CA ALA B 139 -32.33 -4.78 -7.00
C ALA B 139 -33.81 -5.01 -6.75
N GLU B 140 -34.17 -6.13 -6.15
CA GLU B 140 -35.57 -6.53 -5.99
C GLU B 140 -36.12 -6.26 -4.59
N HIS B 141 -35.30 -5.85 -3.64
CA HIS B 141 -35.77 -5.54 -2.29
C HIS B 141 -35.39 -4.13 -1.89
N SER B 142 -35.55 -3.19 -2.82
CA SER B 142 -35.02 -1.85 -2.59
C SER B 142 -35.73 -1.12 -1.48
N GLU B 143 -37.04 -1.37 -1.29
CA GLU B 143 -37.78 -0.73 -0.22
C GLU B 143 -37.29 -1.21 1.14
N GLN B 144 -37.06 -2.51 1.27
CA GLN B 144 -36.56 -3.09 2.52
C GLN B 144 -35.19 -2.53 2.88
N LEU B 145 -34.34 -2.30 1.88
CA LEU B 145 -32.98 -1.82 2.09
C LEU B 145 -32.86 -0.30 2.02
N ASN B 146 -33.95 0.38 1.69
CA ASN B 146 -33.98 1.84 1.55
C ASN B 146 -32.92 2.32 0.56
N VAL B 147 -32.92 1.70 -0.62
CA VAL B 147 -32.01 2.11 -1.69
C VAL B 147 -32.78 2.27 -2.98
N ASP B 148 -32.13 2.92 -3.94
CA ASP B 148 -32.67 3.19 -5.27
C ASP B 148 -32.09 2.16 -6.22
N PRO B 149 -32.86 1.18 -6.68
CA PRO B 149 -32.27 0.12 -7.51
C PRO B 149 -32.01 0.53 -8.94
N THR B 150 -32.45 1.73 -9.36
CA THR B 150 -32.10 2.21 -10.69
C THR B 150 -30.70 2.83 -10.70
N ARG B 151 -30.07 2.97 -9.54
CA ARG B 151 -28.71 3.53 -9.41
C ARG B 151 -27.93 2.47 -8.60
N LEU B 152 -27.59 1.38 -9.27
CA LEU B 152 -26.95 0.22 -8.65
C LEU B 152 -25.61 0.02 -9.33
N ALA B 153 -24.53 0.02 -8.54
CA ALA B 153 -23.19 -0.26 -9.05
C ALA B 153 -22.66 -1.55 -8.42
N ILE B 154 -21.71 -2.18 -9.11
CA ILE B 154 -20.96 -3.31 -8.56
C ILE B 154 -19.49 -2.95 -8.62
N ALA B 155 -18.73 -3.45 -7.65
CA ALA B 155 -17.32 -3.11 -7.55
C ALA B 155 -16.62 -4.22 -6.80
N GLY B 156 -15.30 -4.33 -7.04
CA GLY B 156 -14.54 -5.39 -6.43
C GLY B 156 -13.06 -5.20 -6.69
N ASP B 157 -12.26 -5.81 -5.83
CA ASP B 157 -10.81 -5.78 -5.97
C ASP B 157 -10.22 -7.17 -6.13
N VAL B 159 -9.67 -10.76 -6.85
CA VAL B 159 -10.67 -11.79 -7.19
C VAL B 159 -12.07 -11.17 -7.09
N GLY B 160 -12.18 -10.06 -6.35
CA GLY B 160 -13.43 -9.32 -6.33
C GLY B 160 -13.70 -8.62 -7.65
N GLY B 161 -12.63 -8.25 -8.36
CA GLY B 161 -12.78 -7.74 -9.70
C GLY B 161 -13.15 -8.84 -10.68
N ASN B 162 -12.59 -10.03 -10.50
CA ASN B 162 -13.10 -11.21 -11.19
C ASN B 162 -14.60 -11.36 -10.95
N MET B 163 -15.03 -11.26 -9.70
CA MET B 163 -16.47 -11.41 -9.39
C MET B 163 -17.29 -10.30 -10.04
N THR B 164 -16.76 -9.08 -10.06
CA THR B 164 -17.47 -7.98 -10.71
C THR B 164 -17.70 -8.29 -12.19
N ALA B 165 -16.64 -8.65 -12.90
CA ALA B 165 -16.78 -9.00 -14.31
C ALA B 165 -17.81 -10.12 -14.51
N VAL B 166 -17.74 -11.16 -13.67
CA VAL B 166 -18.61 -12.31 -13.88
C VAL B 166 -20.05 -11.97 -13.54
N VAL B 167 -20.28 -11.14 -12.53
CA VAL B 167 -21.66 -10.70 -12.23
C VAL B 167 -22.22 -9.89 -13.40
N SER B 168 -21.40 -9.01 -14.00
CA SER B 168 -21.89 -8.26 -15.16
C SER B 168 -22.30 -9.22 -16.27
N LEU B 169 -21.48 -10.24 -16.52
CA LEU B 169 -21.78 -11.25 -17.53
C LEU B 169 -23.02 -12.06 -17.15
N LEU B 170 -23.14 -12.50 -15.90
CA LEU B 170 -24.34 -13.26 -15.51
C LEU B 170 -25.60 -12.41 -15.65
N ALA B 171 -25.50 -11.11 -15.35
CA ALA B 171 -26.67 -10.23 -15.52
C ALA B 171 -27.06 -10.13 -16.99
N GLN B 172 -26.09 -10.01 -17.89
CA GLN B 172 -26.37 -10.04 -19.32
C GLN B 172 -27.11 -11.32 -19.71
N GLU B 173 -26.58 -12.46 -19.25
CA GLU B 173 -27.15 -13.75 -19.65
C GLU B 173 -28.54 -13.97 -19.09
N ARG B 174 -28.81 -13.48 -17.90
CA ARG B 174 -30.04 -13.82 -17.17
C ARG B 174 -31.07 -12.72 -17.23
N GLY B 175 -30.81 -11.64 -17.96
CA GLY B 175 -31.80 -10.60 -18.17
C GLY B 175 -31.86 -9.53 -17.11
N GLY B 176 -30.83 -9.39 -16.28
CA GLY B 176 -30.85 -8.42 -15.21
C GLY B 176 -30.09 -8.91 -14.00
N PRO B 177 -30.02 -8.08 -12.96
CA PRO B 177 -30.57 -6.72 -12.90
C PRO B 177 -29.77 -5.68 -13.72
N ASP B 178 -30.35 -4.50 -13.93
CA ASP B 178 -29.63 -3.41 -14.57
C ASP B 178 -28.55 -2.87 -13.64
N ILE B 179 -27.40 -2.60 -14.23
CA ILE B 179 -26.20 -2.14 -13.51
C ILE B 179 -25.82 -0.79 -14.08
N THR B 180 -25.64 0.20 -13.19
CA THR B 180 -25.32 1.55 -13.64
C THR B 180 -23.83 1.71 -13.98
N ALA B 181 -22.96 1.09 -13.20
CA ALA B 181 -21.52 1.20 -13.37
C ALA B 181 -20.86 0.03 -12.66
N GLN B 182 -19.62 -0.24 -13.05
CA GLN B 182 -18.84 -1.31 -12.44
C GLN B 182 -17.42 -0.81 -12.26
N VAL B 183 -16.82 -1.14 -11.12
CA VAL B 183 -15.46 -0.71 -10.80
C VAL B 183 -14.64 -1.95 -10.45
N LEU B 184 -13.47 -2.07 -11.08
CA LEU B 184 -12.61 -3.23 -10.92
C LEU B 184 -11.22 -2.73 -10.57
N PHE B 185 -10.80 -2.96 -9.31
CA PHE B 185 -9.43 -2.71 -8.89
C PHE B 185 -8.59 -3.95 -9.14
N TYR B 186 -7.50 -3.78 -9.94
CA TYR B 186 -6.57 -4.85 -10.32
C TYR B 186 -7.24 -6.22 -10.33
N PRO B 187 -8.14 -6.43 -11.28
CA PRO B 187 -8.91 -7.68 -11.31
C PRO B 187 -8.09 -8.89 -11.77
N VAL B 188 -8.50 -10.05 -11.27
CA VAL B 188 -8.12 -11.34 -11.84
C VAL B 188 -9.04 -11.61 -13.02
N THR B 189 -8.46 -11.73 -14.22
CA THR B 189 -9.26 -11.96 -15.42
C THR B 189 -8.76 -13.13 -16.25
N ASP B 190 -7.60 -13.69 -15.95
CA ASP B 190 -6.98 -14.72 -16.73
C ASP B 190 -6.26 -15.67 -15.80
N ALA B 191 -5.73 -16.76 -16.35
CA ALA B 191 -4.91 -17.70 -15.60
C ALA B 191 -3.70 -18.11 -16.42
N ASP B 192 -3.13 -17.14 -17.15
CA ASP B 192 -1.92 -17.32 -17.95
C ASP B 192 -0.73 -16.83 -17.11
N PHE B 193 -0.09 -17.75 -16.41
CA PHE B 193 0.97 -17.40 -15.48
C PHE B 193 2.29 -17.10 -16.18
N ASP B 194 2.31 -17.07 -17.51
CA ASP B 194 3.53 -16.83 -18.28
C ASP B 194 3.48 -15.53 -19.07
N ASN B 195 2.48 -14.69 -18.84
CA ASN B 195 2.37 -13.44 -19.59
C ASN B 195 3.42 -12.44 -19.08
N GLY B 196 3.37 -11.23 -19.62
CA GLY B 196 4.47 -10.28 -19.42
C GLY B 196 4.64 -9.86 -17.97
N SER B 197 3.54 -9.40 -17.35
CA SER B 197 3.65 -8.92 -15.97
C SER B 197 3.80 -10.08 -14.99
N TYR B 198 3.21 -11.25 -15.30
CA TYR B 198 3.49 -12.42 -14.45
C TYR B 198 4.97 -12.74 -14.44
N THR B 199 5.61 -12.64 -15.60
CA THR B 199 7.03 -12.97 -15.68
C THR B 199 7.87 -11.91 -14.97
N GLU B 200 7.53 -10.64 -15.19
CA GLU B 200 8.28 -9.54 -14.61
C GLU B 200 8.18 -9.53 -13.08
N PHE B 201 7.00 -9.88 -12.51
CA PHE B 201 6.80 -9.77 -11.08
C PHE B 201 6.55 -11.11 -10.41
N ALA B 202 7.08 -12.18 -11.02
CA ALA B 202 6.79 -13.54 -10.53
C ALA B 202 7.19 -13.70 -9.07
N ASN B 203 8.28 -13.04 -8.65
CA ASN B 203 8.76 -13.16 -7.28
C ASN B 203 8.37 -11.97 -6.41
N GLY B 204 7.37 -11.21 -6.82
CA GLY B 204 6.91 -10.07 -6.05
C GLY B 204 7.04 -8.77 -6.80
N PRO B 205 6.70 -7.64 -6.16
CA PRO B 205 6.42 -7.52 -4.72
C PRO B 205 5.02 -7.97 -4.27
N TRP B 206 4.95 -8.49 -3.03
CA TRP B 206 3.72 -8.80 -2.30
C TRP B 206 3.01 -10.01 -2.91
N LEU B 207 2.49 -9.86 -4.12
CA LEU B 207 1.80 -10.96 -4.79
C LEU B 207 2.80 -11.66 -5.70
N THR B 208 2.87 -12.98 -5.59
CA THR B 208 3.82 -13.80 -6.31
C THR B 208 3.09 -14.78 -7.23
N LYS B 209 3.82 -15.28 -8.20
CA LYS B 209 3.27 -16.30 -9.09
C LYS B 209 2.91 -17.59 -8.34
N PRO B 210 3.74 -18.11 -7.43
CA PRO B 210 3.29 -19.28 -6.64
C PRO B 210 2.04 -19.02 -5.80
N ALA B 211 1.87 -17.81 -5.29
CA ALA B 211 0.65 -17.47 -4.55
C ALA B 211 -0.57 -17.56 -5.47
N MET B 212 -0.48 -16.99 -6.67
CA MET B 212 -1.57 -17.11 -7.64
C MET B 212 -1.88 -18.56 -7.97
N ASP B 213 -0.84 -19.34 -8.25
CA ASP B 213 -1.04 -20.77 -8.50
C ASP B 213 -1.81 -21.40 -7.36
N TRP B 214 -1.38 -21.15 -6.12
CA TRP B 214 -2.06 -21.67 -4.94
C TRP B 214 -3.50 -21.18 -4.85
N PHE B 215 -3.71 -19.86 -5.00
CA PHE B 215 -5.07 -19.33 -4.89
C PHE B 215 -6.01 -20.01 -5.88
N TRP B 216 -5.58 -20.08 -7.15
CA TRP B 216 -6.41 -20.71 -8.20
C TRP B 216 -6.73 -22.15 -7.86
N ASN B 217 -5.77 -22.88 -7.30
CA ASN B 217 -6.00 -24.29 -6.96
C ASN B 217 -6.97 -24.45 -5.80
N GLN B 218 -6.96 -23.51 -4.86
CA GLN B 218 -7.94 -23.51 -3.76
C GLN B 218 -9.34 -23.25 -4.30
N TYR B 219 -9.44 -22.38 -5.31
CA TYR B 219 -10.71 -21.92 -5.85
C TYR B 219 -11.38 -22.97 -6.72
N LEU B 220 -10.63 -23.61 -7.61
CA LEU B 220 -11.29 -24.42 -8.63
C LEU B 220 -11.20 -25.92 -8.31
N PRO B 221 -12.29 -26.64 -8.55
CA PRO B 221 -12.19 -28.12 -8.57
C PRO B 221 -11.21 -28.55 -9.65
N GLU B 222 -10.45 -29.60 -9.34
CA GLU B 222 -9.44 -30.11 -10.27
C GLU B 222 -10.08 -30.52 -11.59
N GLY B 223 -9.39 -30.20 -12.68
CA GLY B 223 -9.76 -30.68 -14.00
C GLY B 223 -10.72 -29.79 -14.75
N ILE B 224 -11.26 -28.75 -14.13
CA ILE B 224 -12.18 -27.89 -14.85
C ILE B 224 -11.39 -27.03 -15.83
N ASP B 225 -12.01 -26.75 -16.97
CA ASP B 225 -11.38 -25.92 -18.01
C ASP B 225 -11.40 -24.45 -17.57
N ARG B 226 -10.22 -23.88 -17.32
CA ARG B 226 -10.14 -22.52 -16.81
C ARG B 226 -10.53 -21.44 -17.82
N THR B 227 -10.69 -21.78 -19.10
CA THR B 227 -10.97 -20.78 -20.10
C THR B 227 -12.42 -20.33 -20.15
N ASP B 228 -13.31 -20.95 -19.37
CA ASP B 228 -14.69 -20.49 -19.36
C ASP B 228 -14.72 -19.02 -18.91
N PRO B 229 -15.50 -18.15 -19.58
CA PRO B 229 -15.51 -16.72 -19.19
C PRO B 229 -16.01 -16.46 -17.78
N LYS B 230 -16.78 -17.39 -17.19
CA LYS B 230 -17.21 -17.23 -15.81
C LYS B 230 -16.10 -17.57 -14.81
N ILE B 231 -14.98 -18.07 -15.33
CA ILE B 231 -13.77 -18.30 -14.56
C ILE B 231 -12.69 -17.28 -14.94
N THR B 232 -12.40 -17.16 -16.23
CA THR B 232 -11.46 -16.16 -16.75
C THR B 232 -12.19 -15.24 -17.73
N PRO B 233 -12.75 -14.13 -17.25
CA PRO B 233 -13.58 -13.29 -18.13
C PRO B 233 -12.82 -12.64 -19.28
N ILE B 234 -11.49 -12.68 -19.30
CA ILE B 234 -10.75 -12.28 -20.49
C ILE B 234 -11.25 -13.06 -21.71
N HIS B 235 -11.85 -14.24 -21.48
CA HIS B 235 -12.33 -15.04 -22.60
C HIS B 235 -13.78 -14.78 -22.97
N ALA B 236 -14.42 -13.80 -22.33
CA ALA B 236 -15.78 -13.44 -22.71
C ALA B 236 -15.84 -13.02 -24.17
N THR B 237 -16.94 -13.34 -24.83
CA THR B 237 -17.14 -12.90 -26.20
C THR B 237 -17.56 -11.44 -26.25
N SER B 238 -17.36 -10.83 -27.42
CA SER B 238 -17.83 -9.47 -27.65
C SER B 238 -19.31 -9.33 -27.33
N GLU B 239 -20.10 -10.39 -27.60
CA GLU B 239 -21.52 -10.31 -27.33
C GLU B 239 -21.83 -10.45 -25.85
N GLN B 240 -21.00 -11.18 -25.10
CA GLN B 240 -21.19 -11.22 -23.65
C GLN B 240 -20.79 -9.88 -23.00
N LEU B 241 -19.81 -9.20 -23.59
CA LEU B 241 -19.31 -7.95 -23.02
C LEU B 241 -20.13 -6.74 -23.46
N SER B 242 -20.61 -6.75 -24.70
CA SER B 242 -21.37 -5.60 -25.20
C SER B 242 -22.63 -5.44 -24.34
N GLY B 243 -23.07 -4.20 -24.20
CA GLY B 243 -24.22 -3.92 -23.37
C GLY B 243 -23.94 -3.81 -21.89
N GLN B 244 -22.70 -4.06 -21.45
CA GLN B 244 -22.41 -3.96 -20.03
C GLN B 244 -22.30 -2.51 -19.59
N ALA B 245 -22.37 -2.32 -18.27
CA ALA B 245 -22.36 -1.00 -17.69
C ALA B 245 -20.96 -0.38 -17.84
N PRO B 246 -20.89 0.96 -17.91
CA PRO B 246 -19.57 1.62 -17.97
C PRO B 246 -18.67 1.11 -16.85
N ALA B 247 -17.36 1.03 -17.15
CA ALA B 247 -16.43 0.43 -16.23
C ALA B 247 -15.24 1.35 -15.97
N LEU B 248 -14.81 1.38 -14.72
CA LEU B 248 -13.53 1.95 -14.31
C LEU B 248 -12.65 0.75 -13.95
N VAL B 249 -11.51 0.63 -14.62
CA VAL B 249 -10.54 -0.43 -14.35
C VAL B 249 -9.26 0.25 -13.92
N ILE B 250 -8.78 -0.09 -12.73
CA ILE B 250 -7.59 0.50 -12.13
C ILE B 250 -6.57 -0.61 -11.91
N THR B 251 -5.35 -0.42 -12.43
CA THR B 251 -4.27 -1.37 -12.27
C THR B 251 -3.08 -0.74 -11.54
N ALA B 252 -2.27 -1.61 -10.96
CA ALA B 252 -0.99 -1.23 -10.36
C ALA B 252 0.14 -1.57 -11.32
N GLU B 253 1.11 -0.65 -11.43
CA GLU B 253 2.26 -0.88 -12.30
C GLU B 253 2.99 -2.18 -11.95
N ASN B 254 3.19 -2.44 -10.64
CA ASN B 254 4.10 -3.50 -10.21
C ASN B 254 3.28 -4.63 -9.59
N ASP B 255 2.71 -5.46 -10.47
CA ASP B 255 1.69 -6.43 -10.11
C ASP B 255 1.63 -7.49 -11.21
N VAL B 256 1.72 -8.77 -10.84
CA VAL B 256 1.58 -9.83 -11.83
C VAL B 256 0.27 -9.71 -12.61
N LEU B 257 -0.79 -9.21 -11.96
CA LEU B 257 -2.11 -9.11 -12.60
C LEU B 257 -2.29 -7.88 -13.50
N ARG B 258 -1.29 -7.00 -13.57
CA ARG B 258 -1.45 -5.77 -14.34
C ARG B 258 -1.91 -6.04 -15.78
N ASP B 259 -1.20 -6.90 -16.49
CA ASP B 259 -1.43 -7.05 -17.93
C ASP B 259 -2.83 -7.60 -18.23
N GLU B 260 -3.28 -8.58 -17.45
CA GLU B 260 -4.61 -9.15 -17.70
C GLU B 260 -5.72 -8.17 -17.35
N GLY B 261 -5.49 -7.30 -16.36
CA GLY B 261 -6.45 -6.26 -16.05
C GLY B 261 -6.60 -5.28 -17.20
N GLU B 262 -5.46 -4.82 -17.73
CA GLU B 262 -5.50 -3.87 -18.84
C GLU B 262 -6.01 -4.55 -20.11
N ALA B 263 -5.68 -5.82 -20.30
CA ALA B 263 -6.15 -6.53 -21.48
C ALA B 263 -7.66 -6.68 -21.40
N TYR B 264 -8.19 -6.96 -20.22
CA TYR B 264 -9.64 -7.09 -20.08
C TYR B 264 -10.34 -5.75 -20.36
N ALA B 265 -9.78 -4.66 -19.83
CA ALA B 265 -10.30 -3.33 -20.16
C ALA B 265 -10.37 -3.12 -21.66
N ARG B 266 -9.34 -3.53 -22.40
CA ARG B 266 -9.36 -3.40 -23.85
C ARG B 266 -10.50 -4.17 -24.48
N LYS B 267 -10.68 -5.42 -24.04
CA LYS B 267 -11.79 -6.23 -24.56
C LYS B 267 -13.13 -5.53 -24.34
N LEU B 268 -13.36 -5.03 -23.11
CA LEU B 268 -14.59 -4.31 -22.85
C LEU B 268 -14.72 -3.13 -23.79
N SER B 269 -13.65 -2.33 -23.92
CA SER B 269 -13.70 -1.14 -24.76
C SER B 269 -14.04 -1.50 -26.20
N GLN B 270 -13.39 -2.53 -26.73
CA GLN B 270 -13.66 -2.92 -28.11
C GLN B 270 -15.06 -3.50 -28.30
N ALA B 271 -15.70 -3.96 -27.23
CA ALA B 271 -17.09 -4.41 -27.31
C ALA B 271 -18.09 -3.27 -27.20
N GLY B 272 -17.62 -2.02 -27.14
CA GLY B 272 -18.49 -0.87 -27.08
C GLY B 272 -18.78 -0.33 -25.71
N VAL B 273 -18.24 -0.93 -24.66
CA VAL B 273 -18.42 -0.42 -23.30
C VAL B 273 -17.51 0.78 -23.09
N ASP B 274 -18.05 1.79 -22.39
CA ASP B 274 -17.32 3.01 -22.04
C ASP B 274 -16.38 2.66 -20.88
N VAL B 275 -15.08 2.55 -21.17
CA VAL B 275 -14.12 2.06 -20.20
C VAL B 275 -13.13 3.16 -19.85
N THR B 276 -13.07 3.50 -18.56
CA THR B 276 -12.02 4.35 -17.99
C THR B 276 -10.97 3.42 -17.40
N VAL B 277 -9.75 3.44 -17.94
CA VAL B 277 -8.72 2.51 -17.49
C VAL B 277 -7.44 3.27 -17.20
N THR B 278 -6.93 3.08 -16.00
CA THR B 278 -5.80 3.85 -15.51
C THR B 278 -4.87 2.94 -14.73
N ARG B 279 -3.57 3.06 -15.05
CA ARG B 279 -2.51 2.39 -14.34
C ARG B 279 -1.83 3.39 -13.40
N TYR B 280 -1.67 3.01 -12.12
CA TYR B 280 -0.97 3.82 -11.13
C TYR B 280 0.49 3.33 -11.03
N ASN B 281 1.41 4.23 -11.29
CA ASN B 281 2.82 3.88 -11.22
C ASN B 281 3.32 4.01 -9.80
N GLY B 282 4.39 3.25 -9.50
CA GLY B 282 5.01 3.28 -8.19
C GLY B 282 4.37 2.45 -7.13
N THR B 283 3.30 1.73 -7.45
CA THR B 283 2.57 0.97 -6.47
C THR B 283 2.46 -0.52 -6.84
N ILE B 284 1.73 -1.26 -5.99
CA ILE B 284 1.79 -2.71 -5.98
C ILE B 284 0.37 -3.23 -5.91
N HIS B 285 0.26 -4.54 -6.07
CA HIS B 285 -1.02 -5.22 -5.87
C HIS B 285 -1.60 -4.88 -4.49
N ASP B 286 -2.93 -4.83 -4.43
CA ASP B 286 -3.68 -4.63 -3.19
C ASP B 286 -3.56 -3.20 -2.64
N PHE B 287 -3.15 -2.22 -3.46
CA PHE B 287 -2.74 -0.94 -2.90
C PHE B 287 -3.89 -0.09 -2.42
N VAL B 288 -5.15 -0.38 -2.82
CA VAL B 288 -6.25 0.39 -2.25
C VAL B 288 -6.84 -0.25 -1.00
N MET B 289 -6.48 -1.49 -0.70
CA MET B 289 -6.97 -2.17 0.49
C MET B 289 -6.00 -2.07 1.66
N LEU B 290 -4.70 -2.20 1.41
CA LEU B 290 -3.73 -2.33 2.49
C LEU B 290 -3.62 -1.03 3.28
N ASN B 291 -3.87 -1.12 4.59
CA ASN B 291 -3.83 0.05 5.46
C ASN B 291 -2.45 0.71 5.47
N VAL B 292 -1.39 -0.09 5.41
CA VAL B 292 -0.04 0.45 5.44
C VAL B 292 0.27 1.34 4.24
N LEU B 293 -0.50 1.23 3.15
CA LEU B 293 -0.35 2.11 2.00
C LEU B 293 -1.43 3.18 1.88
N ALA B 294 -2.30 3.30 2.88
CA ALA B 294 -3.48 4.18 2.75
C ALA B 294 -3.10 5.65 2.51
N ASP B 295 -1.93 6.08 3.00
N ASP B 295 -1.94 6.08 3.01
CA ASP B 295 -1.49 7.45 2.81
CA ASP B 295 -1.50 7.45 2.81
C ASP B 295 -0.54 7.62 1.64
C ASP B 295 -0.58 7.63 1.61
N THR B 296 -0.28 6.56 0.87
CA THR B 296 0.56 6.73 -0.31
C THR B 296 -0.22 7.46 -1.41
N PRO B 297 0.49 8.17 -2.29
CA PRO B 297 -0.21 8.96 -3.31
C PRO B 297 -1.04 8.12 -4.24
N ALA B 298 -0.57 6.91 -4.60
CA ALA B 298 -1.34 6.03 -5.48
C ALA B 298 -2.63 5.58 -4.82
N ALA B 299 -2.56 5.18 -3.54
CA ALA B 299 -3.76 4.74 -2.83
C ALA B 299 -4.76 5.88 -2.75
N LYS B 300 -4.31 7.05 -2.28
CA LYS B 300 -5.20 8.21 -2.18
C LYS B 300 -5.79 8.57 -3.55
N GLY B 301 -4.97 8.56 -4.59
CA GLY B 301 -5.48 8.92 -5.91
C GLY B 301 -6.50 7.94 -6.45
N ALA B 302 -6.24 6.65 -6.34
CA ALA B 302 -7.15 5.64 -6.89
C ALA B 302 -8.48 5.60 -6.15
N ILE B 303 -8.44 5.74 -4.83
CA ILE B 303 -9.66 5.76 -4.05
C ILE B 303 -10.48 7.02 -4.34
N ALA B 304 -9.80 8.15 -4.51
CA ALA B 304 -10.49 9.39 -4.85
C ALA B 304 -11.06 9.30 -6.26
N GLN B 305 -10.35 8.66 -7.18
CA GLN B 305 -10.88 8.48 -8.53
C GLN B 305 -12.11 7.57 -8.51
N ALA B 306 -11.99 6.41 -7.87
CA ALA B 306 -13.11 5.48 -7.80
C ALA B 306 -14.31 6.10 -7.09
N GLY B 307 -14.05 6.83 -5.99
CA GLY B 307 -15.11 7.51 -5.28
C GLY B 307 -15.86 8.50 -6.15
N GLN B 308 -15.12 9.30 -6.91
CA GLN B 308 -15.73 10.31 -7.75
C GLN B 308 -16.42 9.67 -8.95
N TYR B 309 -15.83 8.62 -9.51
CA TYR B 309 -16.43 7.90 -10.63
C TYR B 309 -17.78 7.34 -10.21
N LEU B 310 -17.83 6.72 -9.03
CA LEU B 310 -19.08 6.14 -8.52
C LEU B 310 -20.07 7.25 -8.14
N HIS B 311 -19.58 8.35 -7.56
CA HIS B 311 -20.49 9.43 -7.22
C HIS B 311 -21.19 9.97 -8.46
N THR B 312 -20.41 10.19 -9.53
CA THR B 312 -20.97 10.72 -10.77
C THR B 312 -21.94 9.73 -11.40
N ALA B 313 -21.57 8.45 -11.43
CA ALA B 313 -22.42 7.44 -12.02
C ALA B 313 -23.74 7.31 -11.29
N LEU B 314 -23.72 7.42 -9.96
CA LEU B 314 -24.89 7.15 -9.13
C LEU B 314 -25.72 8.40 -8.81
N HIS B 315 -25.15 9.60 -8.91
CA HIS B 315 -25.89 10.82 -8.62
C HIS B 315 -25.96 11.80 -9.78
N GLY B 316 -25.31 11.52 -10.91
CA GLY B 316 -25.28 12.46 -12.01
C GLY B 316 -26.58 12.50 -12.78
N VAL C 3 4.39 2.85 41.05
CA VAL C 3 5.23 2.18 40.04
C VAL C 3 4.29 1.55 38.99
N LEU C 4 4.54 1.90 37.73
CA LEU C 4 3.77 1.45 36.59
C LEU C 4 4.39 0.22 35.93
N GLU C 5 3.53 -0.67 35.44
CA GLU C 5 3.98 -1.78 34.60
C GLU C 5 4.78 -1.27 33.41
N PRO C 6 5.83 -1.98 32.99
CA PRO C 6 6.79 -1.36 32.01
C PRO C 6 6.15 -0.90 30.72
N THR C 7 5.29 -1.71 30.08
CA THR C 7 4.66 -1.24 28.85
C THR C 7 3.78 -0.02 29.12
N THR C 8 3.08 -0.03 30.25
CA THR C 8 2.26 1.13 30.60
C THR C 8 3.13 2.36 30.81
N GLN C 9 4.26 2.19 31.52
CA GLN C 9 5.20 3.30 31.73
C GLN C 9 5.70 3.86 30.41
N LYS C 10 6.04 2.96 29.47
CA LYS C 10 6.50 3.36 28.14
C LYS C 10 5.46 4.20 27.41
N PHE C 11 4.18 3.79 27.48
CA PHE C 11 3.10 4.58 26.90
C PHE C 11 3.05 5.98 27.52
N ILE C 12 3.10 6.05 28.86
CA ILE C 12 3.08 7.34 29.54
C ILE C 12 4.26 8.20 29.10
N ASN C 13 5.44 7.58 28.98
CA ASN C 13 6.64 8.33 28.58
C ASN C 13 6.51 8.86 27.16
N ALA C 14 5.78 8.15 26.28
CA ALA C 14 5.52 8.66 24.94
C ALA C 14 4.71 9.95 24.96
N LEU C 15 4.07 10.27 26.09
CA LEU C 15 3.20 11.44 26.22
C LEU C 15 3.88 12.61 26.94
N SER C 16 5.19 12.53 27.15
CA SER C 16 5.84 13.47 28.05
C SER C 16 5.84 14.89 27.51
N ALA C 17 5.61 15.09 26.21
CA ALA C 17 5.52 16.44 25.64
C ALA C 17 4.08 16.97 25.57
N SER C 18 3.10 16.21 26.05
CA SER C 18 1.70 16.54 25.83
C SER C 18 1.07 17.33 26.98
N GLY C 19 1.76 17.47 28.11
CA GLY C 19 1.28 18.32 29.18
C GLY C 19 0.16 17.76 30.02
N GLY C 20 0.07 16.43 30.14
CA GLY C 20 -0.92 15.82 30.98
C GLY C 20 -1.23 14.38 30.60
N PRO C 21 -1.74 14.15 29.38
CA PRO C 21 -2.05 15.13 28.32
C PRO C 21 -2.95 16.29 28.73
N ALA C 22 -2.68 17.48 28.17
CA ALA C 22 -3.53 18.65 28.37
C ALA C 22 -4.74 18.62 27.42
N ILE C 23 -5.49 17.51 27.51
CA ILE C 23 -6.66 17.31 26.64
C ILE C 23 -7.65 18.47 26.77
N TYR C 24 -7.75 19.06 27.98
CA TYR C 24 -8.66 20.15 28.25
C TYR C 24 -8.30 21.45 27.52
N THR C 25 -7.19 21.52 26.83
CA THR C 25 -6.85 22.70 26.05
C THR C 25 -7.46 22.67 24.65
N LEU C 26 -8.15 21.59 24.27
CA LEU C 26 -8.64 21.42 22.91
C LEU C 26 -10.15 21.64 22.87
N THR C 27 -10.67 21.84 21.65
CA THR C 27 -12.11 21.85 21.45
C THR C 27 -12.67 20.43 21.63
N PRO C 28 -13.96 20.30 21.92
CA PRO C 28 -14.56 18.95 21.98
C PRO C 28 -14.29 18.13 20.74
N ALA C 29 -14.41 18.72 19.54
CA ALA C 29 -14.19 17.96 18.32
C ALA C 29 -12.73 17.51 18.19
N GLU C 30 -11.79 18.37 18.57
CA GLU C 30 -10.38 17.99 18.52
C GLU C 30 -10.10 16.88 19.51
N ALA C 31 -10.64 17.00 20.74
CA ALA C 31 -10.41 15.96 21.74
C ALA C 31 -10.94 14.62 21.27
N ARG C 32 -12.16 14.61 20.73
CA ARG C 32 -12.73 13.39 20.20
C ARG C 32 -11.80 12.73 19.19
N ASP C 33 -11.24 13.54 18.28
CA ASP C 33 -10.37 13.01 17.23
C ASP C 33 -9.06 12.50 17.80
N VAL C 34 -8.55 13.13 18.86
CA VAL C 34 -7.33 12.64 19.49
C VAL C 34 -7.54 11.22 20.03
N LEU C 35 -8.64 10.99 20.75
CA LEU C 35 -8.87 9.67 21.31
C LEU C 35 -9.22 8.66 20.21
N SER C 36 -10.02 9.08 19.23
CA SER C 36 -10.35 8.19 18.12
C SER C 36 -9.08 7.74 17.40
N GLY C 37 -8.14 8.66 17.17
CA GLY C 37 -6.88 8.29 16.56
C GLY C 37 -6.06 7.37 17.44
N ALA C 38 -5.97 7.69 18.73
CA ALA C 38 -5.25 6.82 19.65
C ALA C 38 -5.80 5.40 19.63
N GLN C 39 -7.10 5.23 19.38
CA GLN C 39 -7.76 3.94 19.40
C GLN C 39 -7.86 3.33 18.00
N SER C 40 -7.09 3.85 17.06
CA SER C 40 -6.84 3.26 15.76
C SER C 40 -5.40 2.73 15.74
N GLY C 41 -5.15 1.73 14.89
CA GLY C 41 -3.80 1.23 14.77
C GLY C 41 -3.67 -0.21 14.31
N GLU C 42 -3.31 -1.11 15.23
CA GLU C 42 -3.41 -2.55 14.99
C GLU C 42 -3.72 -3.22 16.33
N ILE C 43 -4.81 -3.98 16.38
CA ILE C 43 -5.18 -4.72 17.58
C ILE C 43 -6.18 -5.82 17.23
N ALA C 44 -5.99 -6.98 17.84
CA ALA C 44 -6.91 -8.10 17.67
C ALA C 44 -8.20 -7.85 18.47
N LYS C 45 -9.33 -8.30 17.91
CA LYS C 45 -10.60 -8.16 18.61
C LYS C 45 -11.50 -9.35 18.28
N PRO C 46 -12.41 -9.72 19.20
CA PRO C 46 -13.33 -10.82 18.91
C PRO C 46 -14.32 -10.45 17.81
N ALA C 47 -14.83 -11.46 17.13
CA ALA C 47 -15.74 -11.25 16.01
C ALA C 47 -17.18 -11.10 16.52
N VAL C 48 -17.87 -10.06 16.07
CA VAL C 48 -19.27 -9.82 16.44
C VAL C 48 -20.06 -9.43 15.21
N ASP C 49 -21.38 -9.70 15.26
CA ASP C 49 -22.33 -9.11 14.35
C ASP C 49 -22.79 -7.76 14.90
N ILE C 50 -22.99 -6.78 14.01
CA ILE C 50 -23.28 -5.41 14.40
C ILE C 50 -24.57 -4.95 13.74
N THR C 51 -25.40 -4.25 14.53
CA THR C 51 -26.53 -3.50 14.01
C THR C 51 -26.54 -2.10 14.62
N ASP C 52 -26.36 -1.10 13.78
CA ASP C 52 -26.52 0.30 14.18
C ASP C 52 -27.96 0.72 13.96
N THR C 53 -28.58 1.27 15.01
CA THR C 53 -29.95 1.77 14.88
C THR C 53 -30.20 2.88 15.90
N THR C 54 -31.45 3.31 15.98
CA THR C 54 -31.87 4.38 16.89
C THR C 54 -33.15 3.92 17.55
N PHE C 55 -33.21 4.04 18.88
CA PHE C 55 -34.43 3.74 19.62
C PHE C 55 -35.15 5.07 19.87
N ALA C 56 -36.48 5.06 19.68
CA ALA C 56 -37.25 6.31 19.82
C ALA C 56 -37.59 6.57 21.29
N VAL C 57 -36.54 6.77 22.10
CA VAL C 57 -36.70 6.86 23.54
C VAL C 57 -35.70 7.88 24.09
N GLY C 58 -35.92 8.26 25.34
CA GLY C 58 -35.06 9.23 25.99
C GLY C 58 -35.64 10.63 25.94
N PRO C 59 -35.01 11.56 26.68
CA PRO C 59 -35.60 12.89 26.85
C PRO C 59 -35.55 13.76 25.60
N THR C 60 -34.80 13.36 24.58
CA THR C 60 -34.79 14.05 23.29
C THR C 60 -35.57 13.30 22.21
N GLY C 61 -36.17 12.15 22.53
CA GLY C 61 -36.99 11.41 21.61
C GLY C 61 -36.27 10.36 20.79
N ALA C 62 -34.95 10.28 20.88
CA ALA C 62 -34.17 9.35 20.07
C ALA C 62 -32.85 9.11 20.78
N THR C 63 -32.40 7.86 20.80
CA THR C 63 -31.08 7.48 21.31
C THR C 63 -30.44 6.53 20.32
N LYS C 64 -29.25 6.90 19.83
CA LYS C 64 -28.48 6.07 18.93
C LYS C 64 -27.84 4.93 19.72
N VAL C 65 -27.91 3.74 19.15
CA VAL C 65 -27.37 2.54 19.79
C VAL C 65 -26.67 1.70 18.74
N ARG C 66 -25.66 0.96 19.18
CA ARG C 66 -25.07 -0.13 18.38
C ARG C 66 -25.29 -1.42 19.16
N ILE C 67 -25.92 -2.38 18.50
CA ILE C 67 -26.18 -3.69 19.08
C ILE C 67 -25.17 -4.66 18.50
N ILE C 68 -24.50 -5.42 19.37
CA ILE C 68 -23.55 -6.42 18.92
C ILE C 68 -23.88 -7.76 19.57
N ARG C 69 -23.44 -8.83 18.90
CA ARG C 69 -23.64 -10.19 19.36
C ARG C 69 -22.45 -11.00 18.89
N PRO C 70 -22.07 -12.05 19.63
CA PRO C 70 -21.03 -12.97 19.12
C PRO C 70 -21.37 -13.40 17.69
N GLN C 71 -20.37 -13.37 16.81
CA GLN C 71 -20.62 -13.52 15.39
C GLN C 71 -21.33 -14.84 15.09
N GLY C 72 -22.43 -14.73 14.34
CA GLY C 72 -23.18 -15.89 13.90
C GLY C 72 -24.14 -16.47 14.91
N ASN C 73 -24.24 -15.89 16.10
CA ASN C 73 -25.08 -16.47 17.15
C ASN C 73 -26.52 -16.01 16.99
N THR C 74 -27.44 -16.96 16.73
CA THR C 74 -28.85 -16.62 16.51
C THR C 74 -29.71 -16.89 17.73
N ASP C 75 -29.13 -17.35 18.83
CA ASP C 75 -29.92 -17.69 20.00
C ASP C 75 -30.45 -16.45 20.69
N ARG C 76 -31.50 -16.64 21.49
CA ARG C 76 -31.99 -15.63 22.41
C ARG C 76 -30.98 -15.51 23.55
N LEU C 77 -30.22 -14.42 23.56
CA LEU C 77 -29.12 -14.30 24.49
C LEU C 77 -29.46 -13.39 25.66
N PRO C 78 -28.76 -13.56 26.79
CA PRO C 78 -28.76 -12.50 27.80
C PRO C 78 -28.21 -11.24 27.17
N VAL C 79 -28.36 -10.12 27.85
CA VAL C 79 -28.06 -8.82 27.23
C VAL C 79 -27.35 -7.91 28.22
N ILE C 80 -26.33 -7.21 27.72
CA ILE C 80 -25.61 -6.17 28.45
C ILE C 80 -25.99 -4.83 27.83
N VAL C 81 -26.37 -3.86 28.64
CA VAL C 81 -26.49 -2.49 28.17
C VAL C 81 -25.27 -1.73 28.67
N TYR C 82 -24.51 -1.14 27.74
CA TYR C 82 -23.18 -0.62 28.02
C TYR C 82 -23.13 0.89 27.87
N PHE C 83 -22.53 1.56 28.86
CA PHE C 83 -22.37 3.01 28.88
C PHE C 83 -20.88 3.35 28.86
N HIS C 84 -20.42 3.93 27.74
CA HIS C 84 -19.00 4.18 27.55
C HIS C 84 -18.54 5.43 28.32
N GLY C 85 -17.23 5.48 28.54
CA GLY C 85 -16.62 6.61 29.20
C GLY C 85 -15.85 7.49 28.24
N ALA C 86 -14.98 8.32 28.81
CA ALA C 86 -14.10 9.30 28.17
C ALA C 86 -14.64 10.70 28.45
N GLY C 87 -15.05 10.96 29.70
CA GLY C 87 -15.20 12.31 30.21
C GLY C 87 -16.46 13.05 29.80
N TRP C 88 -17.45 12.34 29.26
CA TRP C 88 -18.69 12.90 28.73
C TRP C 88 -18.46 13.62 27.40
N VAL C 89 -17.24 14.08 27.18
CA VAL C 89 -16.94 14.82 25.95
C VAL C 89 -16.60 13.88 24.81
N MET C 90 -15.83 12.82 25.09
CA MET C 90 -15.25 11.97 24.05
C MET C 90 -15.87 10.56 24.10
N GLY C 91 -15.36 9.70 23.22
CA GLY C 91 -15.75 8.30 23.19
C GLY C 91 -16.85 8.08 22.15
N ASP C 92 -16.81 6.91 21.54
CA ASP C 92 -17.71 6.54 20.45
C ASP C 92 -17.59 5.02 20.25
N THR C 93 -18.38 4.50 19.31
CA THR C 93 -18.32 3.06 19.03
C THR C 93 -16.90 2.60 18.67
N GLY C 94 -16.08 3.47 18.09
CA GLY C 94 -14.72 3.12 17.74
C GLY C 94 -13.77 3.03 18.92
N THR C 95 -13.82 4.02 19.81
CA THR C 95 -12.89 4.05 20.93
C THR C 95 -13.09 2.86 21.87
N HIS C 96 -14.32 2.37 22.02
CA HIS C 96 -14.62 1.30 22.97
C HIS C 96 -14.90 -0.03 22.28
N ASP C 97 -14.61 -0.12 20.99
CA ASP C 97 -14.97 -1.29 20.19
C ASP C 97 -14.37 -2.58 20.76
N ARG C 98 -13.04 -2.61 20.97
CA ARG C 98 -12.41 -3.84 21.40
C ARG C 98 -12.96 -4.27 22.75
N LEU C 99 -13.12 -3.32 23.68
CA LEU C 99 -13.55 -3.63 25.03
C LEU C 99 -14.95 -4.26 25.03
N VAL C 100 -15.90 -3.64 24.33
CA VAL C 100 -17.27 -4.18 24.41
C VAL C 100 -17.39 -5.48 23.62
N ARG C 101 -16.60 -5.66 22.57
CA ARG C 101 -16.56 -6.97 21.90
C ARG C 101 -16.10 -8.08 22.84
N GLU C 102 -15.04 -7.82 23.63
CA GLU C 102 -14.57 -8.79 24.60
C GLU C 102 -15.69 -9.12 25.59
N LEU C 103 -16.34 -8.10 26.15
CA LEU C 103 -17.41 -8.36 27.10
C LEU C 103 -18.56 -9.17 26.47
N SER C 104 -18.94 -8.82 25.23
CA SER C 104 -20.03 -9.54 24.58
C SER C 104 -19.66 -11.00 24.36
N VAL C 105 -18.46 -11.26 23.84
CA VAL C 105 -18.11 -12.65 23.53
C VAL C 105 -17.77 -13.43 24.79
N ARG C 106 -17.12 -12.79 25.77
CA ARG C 106 -16.78 -13.50 27.00
C ARG C 106 -18.03 -13.78 27.83
N ALA C 107 -18.99 -12.86 27.82
CA ALA C 107 -20.23 -13.08 28.54
C ALA C 107 -21.22 -13.91 27.74
N ASN C 108 -20.93 -14.17 26.47
CA ASN C 108 -21.85 -14.77 25.51
C ASN C 108 -23.22 -14.09 25.61
N ALA C 109 -23.21 -12.82 25.24
CA ALA C 109 -24.36 -11.96 25.46
C ALA C 109 -24.45 -10.94 24.33
N ALA C 110 -25.69 -10.58 23.98
CA ALA C 110 -25.89 -9.36 23.22
C ALA C 110 -25.44 -8.16 24.06
N LEU C 111 -24.98 -7.12 23.38
CA LEU C 111 -24.56 -5.90 24.07
C LEU C 111 -25.12 -4.72 23.31
N VAL C 112 -25.82 -3.85 24.03
CA VAL C 112 -26.42 -2.64 23.48
C VAL C 112 -25.58 -1.45 23.92
N PHE C 113 -24.81 -0.91 22.98
CA PHE C 113 -23.89 0.19 23.23
C PHE C 113 -24.67 1.49 23.06
N VAL C 114 -24.88 2.23 24.16
CA VAL C 114 -25.67 3.45 24.11
C VAL C 114 -24.76 4.58 23.64
N ASP C 115 -25.02 5.09 22.44
CA ASP C 115 -24.25 6.22 21.91
C ASP C 115 -24.94 7.54 22.33
N TYR C 116 -24.87 7.79 23.63
CA TYR C 116 -25.55 8.92 24.24
C TYR C 116 -25.00 10.26 23.73
N GLU C 117 -25.82 11.30 23.92
CA GLU C 117 -25.43 12.64 23.48
C GLU C 117 -24.31 13.16 24.38
N ARG C 118 -23.19 13.52 23.78
CA ARG C 118 -21.99 13.89 24.52
C ARG C 118 -22.00 15.37 24.87
N SER C 119 -21.18 15.72 25.87
CA SER C 119 -21.05 17.09 26.33
C SER C 119 -19.91 17.79 25.59
N PRO C 120 -19.89 19.12 25.53
CA PRO C 120 -20.86 20.05 26.16
C PRO C 120 -22.11 20.32 25.34
N GLU C 121 -22.19 19.75 24.14
CA GLU C 121 -23.42 19.92 23.33
C GLU C 121 -24.66 19.52 24.12
N ALA C 122 -24.65 18.34 24.73
CA ALA C 122 -25.68 17.96 25.69
C ALA C 122 -25.12 18.16 27.09
N ARG C 123 -26.01 18.43 28.04
CA ARG C 123 -25.66 18.51 29.45
C ARG C 123 -26.43 17.49 30.25
N TYR C 124 -26.00 17.32 31.50
CA TYR C 124 -26.80 16.61 32.49
C TYR C 124 -28.21 17.20 32.48
N PRO C 125 -29.26 16.37 32.58
CA PRO C 125 -29.27 14.91 32.72
C PRO C 125 -29.59 14.12 31.43
N VAL C 126 -29.20 14.66 30.28
CA VAL C 126 -29.64 14.04 29.02
C VAL C 126 -29.11 12.61 28.90
N ALA C 127 -27.81 12.43 29.13
CA ALA C 127 -27.20 11.13 28.90
C ALA C 127 -27.74 10.09 29.87
N ILE C 128 -27.89 10.42 31.16
CA ILE C 128 -28.38 9.39 32.09
C ILE C 128 -29.82 9.02 31.78
N GLU C 129 -30.62 9.99 31.34
CA GLU C 129 -32.01 9.68 31.00
C GLU C 129 -32.08 8.86 29.71
N GLN C 130 -31.18 9.14 28.75
CA GLN C 130 -31.07 8.28 27.59
C GLN C 130 -30.67 6.88 28.00
N ASP C 131 -29.64 6.77 28.87
CA ASP C 131 -29.15 5.48 29.34
C ASP C 131 -30.27 4.69 30.01
N TYR C 132 -31.03 5.33 30.90
CA TYR C 132 -32.10 4.61 31.58
C TYR C 132 -33.19 4.20 30.59
N ALA C 133 -33.55 5.12 29.68
CA ALA C 133 -34.61 4.84 28.71
C ALA C 133 -34.25 3.65 27.82
N VAL C 134 -32.99 3.55 27.40
CA VAL C 134 -32.59 2.43 26.56
C VAL C 134 -32.63 1.12 27.35
N THR C 135 -32.16 1.15 28.61
CA THR C 135 -32.19 -0.05 29.44
C THR C 135 -33.62 -0.54 29.59
N LYS C 136 -34.54 0.36 29.90
CA LYS C 136 -35.96 0.01 29.95
C LYS C 136 -36.44 -0.53 28.60
N TYR C 137 -36.08 0.16 27.52
CA TYR C 137 -36.53 -0.26 26.20
C TYR C 137 -36.09 -1.69 25.91
N VAL C 138 -34.83 -2.02 26.24
CA VAL C 138 -34.31 -3.36 26.00
C VAL C 138 -35.12 -4.39 26.78
N ALA C 139 -35.39 -4.10 28.05
CA ALA C 139 -36.20 -5.01 28.87
C ALA C 139 -37.59 -5.23 28.29
N GLU C 140 -38.14 -4.24 27.58
CA GLU C 140 -39.52 -4.29 27.13
C GLU C 140 -39.65 -4.66 25.66
N HIS C 141 -38.55 -4.87 24.94
CA HIS C 141 -38.59 -5.20 23.53
C HIS C 141 -37.70 -6.37 23.23
N SER C 142 -37.75 -7.37 24.12
CA SER C 142 -36.80 -8.47 24.04
C SER C 142 -37.05 -9.36 22.84
N GLU C 143 -38.30 -9.50 22.39
CA GLU C 143 -38.52 -10.33 21.21
C GLU C 143 -38.00 -9.64 19.96
N GLN C 144 -38.16 -8.33 19.86
CA GLN C 144 -37.59 -7.60 18.73
C GLN C 144 -36.06 -7.69 18.72
N LEU C 145 -35.44 -7.69 19.90
CA LEU C 145 -33.99 -7.71 20.01
C LEU C 145 -33.40 -9.11 20.14
N ASN C 146 -34.27 -10.11 20.26
CA ASN C 146 -33.89 -11.52 20.44
C ASN C 146 -32.96 -11.68 21.63
N VAL C 147 -33.37 -11.11 22.77
CA VAL C 147 -32.63 -11.26 24.02
C VAL C 147 -33.56 -11.72 25.13
N ASP C 148 -32.96 -12.21 26.20
CA ASP C 148 -33.67 -12.66 27.39
C ASP C 148 -33.65 -11.52 28.41
N PRO C 149 -34.76 -10.82 28.64
CA PRO C 149 -34.74 -9.67 29.54
C PRO C 149 -34.65 -10.02 31.01
N THR C 150 -34.80 -11.30 31.37
CA THR C 150 -34.58 -11.69 32.76
C THR C 150 -33.10 -11.84 33.10
N ARG C 151 -32.23 -11.79 32.09
CA ARG C 151 -30.77 -11.85 32.25
C ARG C 151 -30.22 -10.60 31.59
N LEU C 152 -30.36 -9.46 32.27
CA LEU C 152 -29.98 -8.15 31.78
C LEU C 152 -28.96 -7.56 32.72
N ALA C 153 -27.79 -7.21 32.18
CA ALA C 153 -26.76 -6.54 32.97
C ALA C 153 -26.50 -5.15 32.41
N ILE C 154 -26.00 -4.25 33.26
CA ILE C 154 -25.52 -2.95 32.84
C ILE C 154 -24.06 -2.81 33.22
N ALA C 155 -23.32 -2.06 32.42
CA ALA C 155 -21.87 -1.94 32.63
C ALA C 155 -21.39 -0.65 31.98
N GLY C 156 -20.27 -0.13 32.50
CA GLY C 156 -19.69 1.07 31.92
C GLY C 156 -18.34 1.37 32.54
N ASP C 157 -17.59 2.21 31.85
CA ASP C 157 -16.26 2.63 32.30
C ASP C 157 -16.21 4.13 32.54
N VAL C 159 -16.98 7.71 33.26
CA VAL C 159 -18.29 8.39 33.36
C VAL C 159 -19.39 7.38 32.98
N GLY C 160 -19.00 6.34 32.24
CA GLY C 160 -19.93 5.24 31.97
C GLY C 160 -20.21 4.43 33.21
N GLY C 161 -19.24 4.41 34.14
CA GLY C 161 -19.51 3.78 35.44
C GLY C 161 -20.40 4.65 36.31
N ASN C 162 -20.21 5.97 36.23
CA ASN C 162 -21.18 6.90 36.82
C ASN C 162 -22.58 6.59 36.30
N MET C 163 -22.69 6.41 34.97
CA MET C 163 -24.02 6.13 34.38
C MET C 163 -24.58 4.81 34.89
N THR C 164 -23.74 3.79 35.05
CA THR C 164 -24.19 2.49 35.56
C THR C 164 -24.81 2.62 36.93
N ALA C 165 -24.10 3.30 37.84
CA ALA C 165 -24.62 3.54 39.17
C ALA C 165 -25.93 4.31 39.12
N VAL C 166 -26.01 5.32 38.24
CA VAL C 166 -27.21 6.16 38.21
C VAL C 166 -28.38 5.39 37.61
N VAL C 167 -28.14 4.59 36.57
CA VAL C 167 -29.21 3.76 36.02
C VAL C 167 -29.73 2.78 37.06
N SER C 168 -28.82 2.17 37.85
CA SER C 168 -29.27 1.28 38.91
C SER C 168 -30.20 2.02 39.87
N LEU C 169 -29.77 3.22 40.27
CA LEU C 169 -30.57 4.05 41.17
C LEU C 169 -31.92 4.43 40.53
N LEU C 170 -31.90 4.88 39.28
CA LEU C 170 -33.15 5.25 38.61
C LEU C 170 -34.10 4.06 38.52
N ALA C 171 -33.56 2.86 38.26
CA ALA C 171 -34.41 1.68 38.20
C ALA C 171 -35.06 1.40 39.56
N GLN C 172 -34.30 1.54 40.64
CA GLN C 172 -34.88 1.43 41.99
C GLN C 172 -36.01 2.44 42.19
N GLU C 173 -35.80 3.68 41.74
CA GLU C 173 -36.79 4.72 41.97
C GLU C 173 -38.05 4.52 41.14
N ARG C 174 -37.92 3.98 39.93
CA ARG C 174 -39.00 3.96 38.97
C ARG C 174 -39.62 2.58 38.83
N GLY C 175 -39.21 1.64 39.68
CA GLY C 175 -39.86 0.33 39.71
C GLY C 175 -39.38 -0.65 38.68
N GLY C 176 -38.18 -0.44 38.11
CA GLY C 176 -37.66 -1.35 37.12
C GLY C 176 -36.85 -0.61 36.07
N PRO C 177 -36.32 -1.33 35.09
CA PRO C 177 -36.41 -2.80 34.94
C PRO C 177 -35.54 -3.57 35.94
N ASP C 178 -35.75 -4.88 36.04
CA ASP C 178 -34.89 -5.71 36.86
C ASP C 178 -33.50 -5.85 36.21
N ILE C 179 -32.46 -5.78 37.05
CA ILE C 179 -31.07 -5.85 36.61
C ILE C 179 -30.41 -7.02 37.32
N THR C 180 -29.75 -7.89 36.55
CA THR C 180 -29.12 -9.10 37.10
C THR C 180 -27.78 -8.79 37.73
N ALA C 181 -26.98 -7.94 37.10
CA ALA C 181 -25.65 -7.60 37.60
C ALA C 181 -25.25 -6.25 37.00
N GLN C 182 -24.29 -5.60 37.65
CA GLN C 182 -23.75 -4.33 37.17
C GLN C 182 -22.24 -4.38 37.31
N VAL C 183 -21.54 -3.82 36.31
CA VAL C 183 -20.08 -3.80 36.27
C VAL C 183 -19.63 -2.36 36.06
N LEU C 184 -18.73 -1.91 36.92
CA LEU C 184 -18.28 -0.53 36.92
C LEU C 184 -16.75 -0.53 36.87
N PHE C 185 -16.17 -0.13 35.73
CA PHE C 185 -14.73 0.04 35.60
C PHE C 185 -14.36 1.46 36.02
N TYR C 186 -13.46 1.61 37.03
CA TYR C 186 -12.98 2.88 37.55
C TYR C 186 -14.02 3.99 37.37
N PRO C 187 -15.16 3.88 38.07
CA PRO C 187 -16.24 4.84 37.87
C PRO C 187 -15.95 6.21 38.48
N VAL C 188 -16.55 7.21 37.85
CA VAL C 188 -16.72 8.53 38.46
C VAL C 188 -17.91 8.47 39.41
N THR C 189 -17.67 8.71 40.70
CA THR C 189 -18.74 8.65 41.70
C THR C 189 -18.82 9.90 42.57
N ASP C 190 -17.83 10.79 42.50
CA ASP C 190 -17.74 11.94 43.38
C ASP C 190 -17.17 13.10 42.57
N ALA C 191 -17.17 14.28 43.19
CA ALA C 191 -16.53 15.45 42.59
C ALA C 191 -15.72 16.19 43.65
N ASP C 192 -15.00 15.40 44.47
CA ASP C 192 -14.11 15.92 45.52
C ASP C 192 -12.69 15.85 44.96
N PHE C 193 -12.23 16.96 44.40
CA PHE C 193 -10.92 17.00 43.73
C PHE C 193 -9.76 17.07 44.72
N ASP C 194 -10.02 17.04 46.03
CA ASP C 194 -8.96 17.13 47.04
C ASP C 194 -8.80 15.84 47.85
N ASN C 195 -9.40 14.74 47.43
CA ASN C 195 -9.29 13.50 48.18
C ASN C 195 -7.90 12.89 47.95
N GLY C 196 -7.70 11.69 48.49
CA GLY C 196 -6.35 11.13 48.55
C GLY C 196 -5.77 10.83 47.18
N SER C 197 -6.52 10.09 46.34
CA SER C 197 -5.98 9.72 45.05
C SER C 197 -5.98 10.90 44.08
N TYR C 198 -6.94 11.84 44.23
CA TYR C 198 -6.86 13.06 43.44
C TYR C 198 -5.58 13.84 43.72
N THR C 199 -5.20 13.92 44.99
CA THR C 199 -4.00 14.66 45.36
C THR C 199 -2.75 13.91 44.89
N GLU C 200 -2.74 12.59 45.04
CA GLU C 200 -1.58 11.79 44.68
C GLU C 200 -1.33 11.79 43.18
N PHE C 201 -2.41 11.80 42.36
CA PHE C 201 -2.26 11.67 40.91
C PHE C 201 -2.76 12.91 40.18
N ALA C 202 -2.74 14.05 40.84
CA ALA C 202 -3.32 15.27 40.28
C ALA C 202 -2.73 15.58 38.91
N ASN C 203 -1.43 15.32 38.74
CA ASN C 203 -0.73 15.63 37.50
C ASN C 203 -0.52 14.43 36.62
N GLY C 204 -1.33 13.38 36.79
CA GLY C 204 -1.21 12.18 36.00
C GLY C 204 -0.85 10.96 36.83
N PRO C 205 -0.69 9.82 36.18
CA PRO C 205 -0.63 9.69 34.73
C PRO C 205 -1.95 9.64 33.95
N TRP C 206 -1.90 10.18 32.72
CA TRP C 206 -3.00 10.12 31.72
C TRP C 206 -4.17 11.02 32.13
N LEU C 207 -4.86 10.69 33.22
CA LEU C 207 -5.96 11.50 33.70
C LEU C 207 -5.44 12.44 34.78
N THR C 208 -5.75 13.72 34.65
CA THR C 208 -5.26 14.75 35.54
C THR C 208 -6.41 15.43 36.25
N LYS C 209 -6.10 16.10 37.36
CA LYS C 209 -7.11 16.90 38.03
C LYS C 209 -7.69 17.99 37.13
N PRO C 210 -6.88 18.78 36.42
CA PRO C 210 -7.47 19.78 35.50
C PRO C 210 -8.40 19.17 34.46
N ALA C 211 -8.06 17.98 33.93
CA ALA C 211 -8.94 17.32 32.98
C ALA C 211 -10.30 17.03 33.62
N MET C 212 -10.30 16.49 34.85
CA MET C 212 -11.56 16.20 35.55
C MET C 212 -12.36 17.47 35.79
N ASP C 213 -11.69 18.54 36.21
CA ASP C 213 -12.36 19.83 36.36
C ASP C 213 -13.06 20.22 35.05
N TRP C 214 -12.32 20.14 33.95
CA TRP C 214 -12.88 20.47 32.65
C TRP C 214 -14.06 19.56 32.29
N PHE C 215 -13.88 18.24 32.42
CA PHE C 215 -14.95 17.31 32.05
C PHE C 215 -16.23 17.62 32.83
N TRP C 216 -16.10 17.77 34.16
CA TRP C 216 -17.27 18.06 34.99
C TRP C 216 -17.93 19.35 34.54
N ASN C 217 -17.14 20.36 34.17
CA ASN C 217 -17.73 21.64 33.75
C ASN C 217 -18.44 21.53 32.40
N GLN C 218 -17.95 20.66 31.52
CA GLN C 218 -18.60 20.39 30.25
C GLN C 218 -19.93 19.69 30.48
N TYR C 219 -19.97 18.80 31.48
CA TYR C 219 -21.14 17.96 31.73
C TYR C 219 -22.28 18.75 32.38
N LEU C 220 -21.96 19.54 33.41
CA LEU C 220 -23.02 20.09 34.23
C LEU C 220 -23.34 21.54 33.91
N PRO C 221 -24.62 21.90 33.87
CA PRO C 221 -24.97 23.34 33.86
C PRO C 221 -24.41 24.03 35.10
N GLU C 222 -23.95 25.26 34.90
CA GLU C 222 -23.42 26.09 35.98
C GLU C 222 -24.40 26.21 37.14
N GLY C 223 -23.89 26.02 38.35
CA GLY C 223 -24.65 26.31 39.55
C GLY C 223 -25.45 25.17 40.13
N ILE C 224 -25.46 24.01 39.47
CA ILE C 224 -26.21 22.88 40.02
C ILE C 224 -25.45 22.30 41.21
N ASP C 225 -26.21 21.79 42.19
CA ASP C 225 -25.63 21.14 43.36
C ASP C 225 -25.09 19.75 42.95
N ARG C 226 -23.77 19.61 42.95
CA ARG C 226 -23.16 18.36 42.50
C ARG C 226 -23.35 17.20 43.48
N THR C 227 -23.89 17.43 44.67
CA THR C 227 -24.03 16.35 45.64
C THR C 227 -25.26 15.49 45.41
N ASP C 228 -26.11 15.82 44.44
CA ASP C 228 -27.25 14.95 44.14
C ASP C 228 -26.74 13.57 43.74
N PRO C 229 -27.36 12.49 44.22
CA PRO C 229 -26.84 11.14 43.89
C PRO C 229 -26.94 10.78 42.41
N LYS C 230 -27.80 11.44 41.62
CA LYS C 230 -27.84 11.22 40.18
C LYS C 230 -26.68 11.90 39.47
N ILE C 231 -25.91 12.70 40.20
CA ILE C 231 -24.69 13.31 39.71
C ILE C 231 -23.46 12.65 40.32
N THR C 232 -23.40 12.58 41.66
CA THR C 232 -22.34 11.90 42.40
C THR C 232 -22.96 10.79 43.23
N PRO C 233 -23.04 9.56 42.70
CA PRO C 233 -23.74 8.48 43.42
C PRO C 233 -23.09 8.05 44.72
N ILE C 234 -21.87 8.48 45.02
CA ILE C 234 -21.31 8.33 46.35
C ILE C 234 -22.26 8.88 47.42
N HIS C 235 -23.13 9.82 47.02
CA HIS C 235 -24.05 10.43 47.99
C HIS C 235 -25.39 9.72 48.07
N ALA C 236 -25.54 8.57 47.42
CA ALA C 236 -26.80 7.83 47.47
C ALA C 236 -27.04 7.33 48.89
N THR C 237 -28.32 7.29 49.28
CA THR C 237 -28.67 6.77 50.60
C THR C 237 -28.64 5.25 50.62
N SER C 238 -28.56 4.70 51.84
CA SER C 238 -28.63 3.25 51.99
C SER C 238 -29.87 2.67 51.34
N GLU C 239 -30.99 3.40 51.35
CA GLU C 239 -32.22 2.89 50.77
C GLU C 239 -32.18 2.98 49.25
N GLN C 240 -31.47 3.95 48.69
CA GLN C 240 -31.32 4.00 47.24
C GLN C 240 -30.40 2.89 46.74
N LEU C 241 -29.41 2.51 47.56
CA LEU C 241 -28.46 1.48 47.17
C LEU C 241 -28.95 0.07 47.48
N SER C 242 -29.68 -0.11 48.59
CA SER C 242 -30.13 -1.44 48.95
C SER C 242 -31.06 -1.99 47.86
N GLY C 243 -30.99 -3.29 47.67
CA GLY C 243 -31.79 -3.92 46.63
C GLY C 243 -31.21 -3.84 45.24
N GLN C 244 -30.09 -3.14 45.05
CA GLN C 244 -29.49 -3.11 43.72
C GLN C 244 -28.83 -4.45 43.39
N ALA C 245 -28.55 -4.61 42.12
CA ALA C 245 -28.00 -5.86 41.61
C ALA C 245 -26.56 -6.04 42.06
N PRO C 246 -26.10 -7.28 42.22
CA PRO C 246 -24.68 -7.52 42.55
C PRO C 246 -23.79 -6.74 41.61
N ALA C 247 -22.66 -6.27 42.15
CA ALA C 247 -21.80 -5.33 41.45
C ALA C 247 -20.35 -5.81 41.46
N LEU C 248 -19.68 -5.64 40.33
CA LEU C 248 -18.23 -5.77 40.20
C LEU C 248 -17.69 -4.35 39.98
N VAL C 249 -16.82 -3.92 40.88
CA VAL C 249 -16.17 -2.61 40.78
C VAL C 249 -14.68 -2.87 40.64
N ILE C 250 -14.09 -2.36 39.56
CA ILE C 250 -12.68 -2.55 39.25
C ILE C 250 -12.02 -1.18 39.20
N THR C 251 -10.95 -1.00 39.97
CA THR C 251 -10.22 0.25 40.00
C THR C 251 -8.78 0.02 39.55
N ALA C 252 -8.15 1.12 39.17
CA ALA C 252 -6.73 1.18 38.86
C ALA C 252 -5.99 1.81 40.04
N GLU C 253 -4.83 1.26 40.36
CA GLU C 253 -4.03 1.79 41.47
C GLU C 253 -3.65 3.26 41.25
N ASN C 254 -3.28 3.61 40.02
CA ASN C 254 -2.65 4.91 39.76
C ASN C 254 -3.62 5.76 38.95
N ASP C 255 -4.61 6.33 39.64
CA ASP C 255 -5.79 6.93 39.02
C ASP C 255 -6.39 7.87 40.05
N VAL C 256 -6.61 9.13 39.66
CA VAL C 256 -7.26 10.08 40.55
C VAL C 256 -8.60 9.54 41.04
N LEU C 257 -9.30 8.76 40.21
CA LEU C 257 -10.62 8.24 40.58
C LEU C 257 -10.60 6.99 41.47
N ARG C 258 -9.43 6.44 41.79
CA ARG C 258 -9.37 5.20 42.55
C ARG C 258 -10.20 5.28 43.82
N ASP C 259 -9.95 6.31 44.64
CA ASP C 259 -10.53 6.31 45.98
C ASP C 259 -12.05 6.40 45.95
N GLU C 260 -12.60 7.23 45.08
CA GLU C 260 -14.07 7.34 45.01
C GLU C 260 -14.73 6.07 44.48
N GLY C 261 -14.08 5.37 43.55
CA GLY C 261 -14.56 4.07 43.12
C GLY C 261 -14.62 3.08 44.25
N GLU C 262 -13.52 2.98 45.01
CA GLU C 262 -13.49 2.04 46.13
C GLU C 262 -14.42 2.48 47.25
N ALA C 263 -14.57 3.79 47.46
CA ALA C 263 -15.49 4.25 48.50
C ALA C 263 -16.93 3.95 48.10
N TYR C 264 -17.24 4.08 46.80
CA TYR C 264 -18.58 3.76 46.35
C TYR C 264 -18.87 2.26 46.50
N ALA C 265 -17.89 1.41 46.18
CA ALA C 265 -18.06 -0.02 46.42
C ALA C 265 -18.36 -0.31 47.88
N ARG C 266 -17.69 0.37 48.80
CA ARG C 266 -17.96 0.18 50.22
C ARG C 266 -19.39 0.55 50.57
N LYS C 267 -19.87 1.70 50.08
CA LYS C 267 -21.26 2.10 50.34
C LYS C 267 -22.25 1.06 49.83
N LEU C 268 -22.05 0.59 48.59
CA LEU C 268 -22.91 -0.48 48.07
C LEU C 268 -22.88 -1.69 48.99
N SER C 269 -21.68 -2.09 49.42
CA SER C 269 -21.55 -3.28 50.26
C SER C 269 -22.24 -3.11 51.60
N GLN C 270 -22.10 -1.93 52.21
CA GLN C 270 -22.74 -1.72 53.50
C GLN C 270 -24.26 -1.60 53.37
N ALA C 271 -24.77 -1.27 52.18
CA ALA C 271 -26.20 -1.30 51.94
C ALA C 271 -26.72 -2.70 51.64
N GLY C 272 -25.87 -3.72 51.75
CA GLY C 272 -26.29 -5.09 51.58
C GLY C 272 -26.16 -5.65 50.17
N VAL C 273 -25.61 -4.88 49.23
CA VAL C 273 -25.39 -5.38 47.88
C VAL C 273 -24.15 -6.26 47.88
N ASP C 274 -24.21 -7.35 47.12
CA ASP C 274 -23.07 -8.27 46.99
C ASP C 274 -22.05 -7.61 46.04
N VAL C 275 -20.93 -7.14 46.60
CA VAL C 275 -19.97 -6.34 45.85
C VAL C 275 -18.64 -7.09 45.75
N THR C 276 -18.20 -7.33 44.50
CA THR C 276 -16.85 -7.80 44.19
C THR C 276 -16.04 -6.56 43.81
N VAL C 277 -15.04 -6.22 44.61
CA VAL C 277 -14.27 -5.00 44.36
C VAL C 277 -12.78 -5.34 44.36
N THR C 278 -12.10 -4.96 43.28
N THR C 278 -12.11 -4.95 43.28
CA THR C 278 -10.73 -5.33 43.05
CA THR C 278 -10.73 -5.33 43.05
C THR C 278 -9.96 -4.15 42.50
C THR C 278 -9.96 -4.16 42.49
N ARG C 279 -8.78 -3.91 43.06
CA ARG C 279 -7.83 -2.91 42.57
C ARG C 279 -6.71 -3.62 41.82
N TYR C 280 -6.43 -3.14 40.59
CA TYR C 280 -5.32 -3.65 39.80
C TYR C 280 -4.12 -2.72 39.97
N ASN C 281 -3.06 -3.26 40.55
CA ASN C 281 -1.82 -2.50 40.72
C ASN C 281 -1.05 -2.41 39.41
N GLY C 282 -0.23 -1.36 39.29
CA GLY C 282 0.66 -1.18 38.16
C GLY C 282 0.05 -0.54 36.96
N THR C 283 -1.24 -0.23 36.98
CA THR C 283 -1.93 0.30 35.82
C THR C 283 -2.56 1.66 36.13
N ILE C 284 -3.27 2.19 35.14
CA ILE C 284 -3.70 3.57 35.10
C ILE C 284 -5.18 3.62 34.74
N HIS C 285 -5.75 4.82 34.86
CA HIS C 285 -7.07 5.09 34.34
C HIS C 285 -7.19 4.66 32.89
N ASP C 286 -8.40 4.22 32.52
CA ASP C 286 -8.77 3.84 31.16
C ASP C 286 -8.11 2.54 30.71
N PHE C 287 -7.58 1.73 31.65
CA PHE C 287 -6.69 0.65 31.21
C PHE C 287 -7.40 -0.55 30.56
N VAL C 288 -8.73 -0.67 30.66
CA VAL C 288 -9.41 -1.74 29.92
C VAL C 288 -9.88 -1.28 28.54
N MET C 289 -9.87 0.04 28.28
CA MET C 289 -10.27 0.57 26.98
C MET C 289 -9.10 0.81 26.03
N LEU C 290 -7.98 1.31 26.55
CA LEU C 290 -6.90 1.79 25.70
C LEU C 290 -6.23 0.63 24.96
N ASN C 291 -6.23 0.70 23.63
CA ASN C 291 -5.64 -0.38 22.83
C ASN C 291 -4.16 -0.57 23.18
N VAL C 292 -3.45 0.51 23.44
CA VAL C 292 -2.01 0.41 23.69
C VAL C 292 -1.71 -0.42 24.94
N LEU C 293 -2.70 -0.60 25.82
CA LEU C 293 -2.50 -1.37 27.05
C LEU C 293 -3.19 -2.74 26.98
N ALA C 294 -3.74 -3.11 25.83
CA ALA C 294 -4.60 -4.30 25.74
C ALA C 294 -3.84 -5.58 26.06
N ASP C 295 -2.52 -5.59 25.87
N ASP C 295 -2.52 -5.60 25.87
CA ASP C 295 -1.72 -6.77 26.16
CA ASP C 295 -1.73 -6.78 26.17
C ASP C 295 -1.05 -6.70 27.53
C ASP C 295 -1.03 -6.70 27.53
N THR C 296 -1.28 -5.64 28.30
CA THR C 296 -0.69 -5.58 29.63
C THR C 296 -1.45 -6.54 30.55
N PRO C 297 -0.77 -7.06 31.59
CA PRO C 297 -1.42 -8.03 32.47
C PRO C 297 -2.65 -7.49 33.17
N ALA C 298 -2.65 -6.22 33.59
CA ALA C 298 -3.81 -5.66 34.26
C ALA C 298 -5.01 -5.61 33.32
N ALA C 299 -4.79 -5.17 32.08
CA ALA C 299 -5.90 -5.09 31.13
C ALA C 299 -6.46 -6.48 30.85
N LYS C 300 -5.56 -7.42 30.57
CA LYS C 300 -5.99 -8.78 30.28
C LYS C 300 -6.71 -9.38 31.48
N GLY C 301 -6.22 -9.10 32.69
CA GLY C 301 -6.83 -9.70 33.87
C GLY C 301 -8.19 -9.11 34.18
N ALA C 302 -8.31 -7.79 34.09
CA ALA C 302 -9.57 -7.14 34.41
C ALA C 302 -10.65 -7.48 33.37
N ILE C 303 -10.29 -7.54 32.10
CA ILE C 303 -11.28 -7.91 31.08
C ILE C 303 -11.71 -9.37 31.25
N ALA C 304 -10.76 -10.26 31.56
CA ALA C 304 -11.12 -11.67 31.80
C ALA C 304 -11.97 -11.81 33.04
N GLN C 305 -11.69 -11.01 34.07
CA GLN C 305 -12.51 -11.05 35.27
C GLN C 305 -13.93 -10.56 35.00
N ALA C 306 -14.06 -9.39 34.37
CA ALA C 306 -15.39 -8.86 34.05
C ALA C 306 -16.15 -9.79 33.13
N GLY C 307 -15.47 -10.36 32.13
CA GLY C 307 -16.13 -11.28 31.22
C GLY C 307 -16.69 -12.49 31.93
N GLN C 308 -15.90 -13.07 32.82
CA GLN C 308 -16.34 -14.27 33.56
C GLN C 308 -17.44 -13.92 34.56
N TYR C 309 -17.30 -12.77 35.23
CA TYR C 309 -18.32 -12.31 36.17
C TYR C 309 -19.67 -12.12 35.45
N LEU C 310 -19.64 -11.53 34.27
CA LEU C 310 -20.85 -11.36 33.48
C LEU C 310 -21.36 -12.70 32.95
N HIS C 311 -20.45 -13.57 32.49
CA HIS C 311 -20.90 -14.88 32.01
C HIS C 311 -21.64 -15.66 33.11
N THR C 312 -21.07 -15.66 34.31
CA THR C 312 -21.68 -16.36 35.44
C THR C 312 -23.01 -15.73 35.82
N ALA C 313 -23.06 -14.39 35.88
CA ALA C 313 -24.30 -13.72 36.25
C ALA C 313 -25.42 -14.00 35.24
N LEU C 314 -25.09 -14.05 33.95
CA LEU C 314 -26.08 -14.11 32.91
C LEU C 314 -26.41 -15.53 32.44
N HIS C 315 -25.52 -16.49 32.66
CA HIS C 315 -25.76 -17.88 32.30
C HIS C 315 -25.78 -18.86 33.48
N GLY C 316 -25.44 -18.42 34.68
CA GLY C 316 -25.54 -19.28 35.85
C GLY C 316 -27.00 -19.45 36.28
N ASP D 1 -1.44 -0.26 -35.07
CA ASP D 1 -1.02 -1.22 -34.01
C ASP D 1 -1.72 -1.00 -32.66
N PRO D 2 -1.66 0.22 -32.11
CA PRO D 2 -2.20 0.44 -30.75
C PRO D 2 -3.72 0.30 -30.69
N VAL D 3 -4.20 -0.21 -29.56
CA VAL D 3 -5.63 -0.31 -29.30
C VAL D 3 -6.08 1.00 -28.66
N LEU D 4 -6.76 1.83 -29.43
CA LEU D 4 -7.31 3.08 -28.93
C LEU D 4 -8.78 2.92 -28.59
N GLU D 5 -9.24 3.73 -27.65
CA GLU D 5 -10.67 3.89 -27.39
C GLU D 5 -11.38 4.24 -28.70
N PRO D 6 -12.60 3.74 -28.92
CA PRO D 6 -13.18 3.84 -30.28
C PRO D 6 -13.31 5.24 -30.86
N THR D 7 -13.86 6.19 -30.10
CA THR D 7 -13.93 7.55 -30.61
C THR D 7 -12.55 8.11 -30.92
N THR D 8 -11.57 7.81 -30.07
CA THR D 8 -10.20 8.27 -30.30
C THR D 8 -9.63 7.64 -31.57
N GLN D 9 -9.93 6.36 -31.80
CA GLN D 9 -9.51 5.71 -33.04
C GLN D 9 -10.15 6.37 -34.26
N LYS D 10 -11.43 6.73 -34.14
CA LYS D 10 -12.11 7.38 -35.25
C LYS D 10 -11.46 8.71 -35.61
N PHE D 11 -11.07 9.49 -34.60
CA PHE D 11 -10.35 10.72 -34.84
C PHE D 11 -9.06 10.46 -35.62
N ILE D 12 -8.27 9.50 -35.15
CA ILE D 12 -7.02 9.17 -35.84
C ILE D 12 -7.30 8.72 -37.26
N ASN D 13 -8.32 7.88 -37.46
CA ASN D 13 -8.68 7.48 -38.82
C ASN D 13 -9.05 8.70 -39.67
N ALA D 14 -9.88 9.60 -39.13
CA ALA D 14 -10.21 10.82 -39.85
C ALA D 14 -8.95 11.60 -40.23
N LEU D 15 -7.94 11.57 -39.35
CA LEU D 15 -6.72 12.33 -39.60
C LEU D 15 -5.96 11.78 -40.79
N SER D 16 -5.61 10.50 -40.75
CA SER D 16 -4.86 9.91 -41.85
C SER D 16 -5.63 9.92 -43.15
N ALA D 17 -6.97 10.01 -43.08
CA ALA D 17 -7.80 10.14 -44.27
C ALA D 17 -7.90 11.58 -44.76
N SER D 18 -7.45 12.55 -43.98
CA SER D 18 -7.49 13.94 -44.41
C SER D 18 -6.26 14.32 -45.25
N GLY D 19 -5.18 13.56 -45.17
CA GLY D 19 -4.04 13.72 -46.04
C GLY D 19 -3.35 15.06 -45.97
N GLY D 20 -3.64 15.84 -44.93
CA GLY D 20 -3.02 17.13 -44.76
C GLY D 20 -1.51 17.04 -44.73
N PRO D 21 -0.83 18.17 -44.86
CA PRO D 21 0.63 18.17 -44.67
C PRO D 21 1.00 18.09 -43.20
N ALA D 22 2.16 17.52 -42.93
CA ALA D 22 2.62 17.36 -41.55
C ALA D 22 2.88 18.72 -40.92
N ILE D 23 2.55 18.83 -39.64
CA ILE D 23 2.54 20.13 -38.96
C ILE D 23 3.88 20.84 -39.09
N TYR D 24 4.98 20.09 -39.12
CA TYR D 24 6.30 20.69 -39.14
C TYR D 24 6.73 21.20 -40.52
N THR D 25 5.88 21.06 -41.53
CA THR D 25 6.18 21.63 -42.85
C THR D 25 5.58 23.02 -43.02
N LEU D 26 4.89 23.53 -42.00
CA LEU D 26 4.16 24.78 -42.08
C LEU D 26 4.97 25.90 -41.43
N THR D 27 4.58 27.15 -41.73
CA THR D 27 5.13 28.27 -41.00
C THR D 27 4.54 28.27 -39.58
N PRO D 28 5.24 28.88 -38.63
CA PRO D 28 4.65 29.04 -37.29
C PRO D 28 3.25 29.63 -37.33
N ALA D 29 3.03 30.64 -38.17
CA ALA D 29 1.71 31.26 -38.25
C ALA D 29 0.68 30.28 -38.81
N GLU D 30 1.08 29.48 -39.80
CA GLU D 30 0.16 28.47 -40.34
C GLU D 30 -0.17 27.43 -39.28
N ALA D 31 0.85 26.90 -38.58
CA ALA D 31 0.62 25.86 -37.57
C ALA D 31 -0.29 26.38 -36.45
N ARG D 32 -0.07 27.62 -36.01
CA ARG D 32 -0.95 28.23 -35.02
C ARG D 32 -2.40 28.21 -35.48
N ASP D 33 -2.63 28.56 -36.75
CA ASP D 33 -3.99 28.61 -37.28
C ASP D 33 -4.60 27.22 -37.39
N VAL D 34 -3.80 26.22 -37.74
CA VAL D 34 -4.32 24.86 -37.80
C VAL D 34 -4.92 24.43 -36.47
N LEU D 35 -4.14 24.57 -35.39
CA LEU D 35 -4.66 24.17 -34.07
C LEU D 35 -5.81 25.06 -33.64
N SER D 36 -5.72 26.36 -33.89
CA SER D 36 -6.79 27.27 -33.49
C SER D 36 -8.12 26.88 -34.14
N GLY D 37 -8.09 26.56 -35.43
CA GLY D 37 -9.30 26.11 -36.10
C GLY D 37 -9.81 24.78 -35.58
N ALA D 38 -8.89 23.82 -35.39
CA ALA D 38 -9.26 22.52 -34.82
C ALA D 38 -10.02 22.66 -33.51
N GLN D 39 -9.73 23.72 -32.75
CA GLN D 39 -10.33 23.92 -31.45
C GLN D 39 -11.45 24.96 -31.46
N SER D 40 -11.86 25.40 -32.64
CA SER D 40 -12.88 26.44 -32.79
C SER D 40 -14.30 25.87 -32.89
N GLY D 41 -14.46 24.56 -32.86
CA GLY D 41 -15.78 23.96 -32.93
C GLY D 41 -16.65 24.37 -31.74
N GLU D 42 -17.96 24.32 -31.95
CA GLU D 42 -18.89 24.59 -30.86
C GLU D 42 -18.88 23.41 -29.89
N ILE D 43 -18.77 23.73 -28.61
CA ILE D 43 -18.67 22.73 -27.54
C ILE D 43 -19.03 23.44 -26.24
N ALA D 44 -19.75 22.74 -25.37
CA ALA D 44 -20.14 23.33 -24.11
C ALA D 44 -18.93 23.53 -23.22
N LYS D 45 -18.93 24.63 -22.47
CA LYS D 45 -17.81 25.02 -21.62
C LYS D 45 -18.35 25.50 -20.29
N PRO D 46 -17.61 25.29 -19.19
CA PRO D 46 -18.03 25.86 -17.91
C PRO D 46 -18.21 27.37 -18.01
N ALA D 47 -19.07 27.89 -17.14
CA ALA D 47 -19.31 29.32 -17.07
C ALA D 47 -18.21 29.98 -16.23
N VAL D 48 -17.55 30.97 -16.82
CA VAL D 48 -16.47 31.67 -16.16
C VAL D 48 -16.54 33.16 -16.44
N ASP D 49 -15.91 33.94 -15.58
CA ASP D 49 -15.58 35.33 -15.83
C ASP D 49 -14.14 35.38 -16.34
N ILE D 50 -13.89 36.24 -17.32
CA ILE D 50 -12.62 36.30 -18.02
C ILE D 50 -12.13 37.73 -18.05
N THR D 51 -10.86 37.92 -17.69
CA THR D 51 -10.19 39.22 -17.78
C THR D 51 -8.88 39.02 -18.53
N ASP D 52 -8.73 39.68 -19.67
CA ASP D 52 -7.50 39.65 -20.45
C ASP D 52 -6.70 40.90 -20.11
N THR D 53 -5.42 40.72 -19.83
CA THR D 53 -4.59 41.84 -19.39
C THR D 53 -3.12 41.44 -19.48
N THR D 54 -2.26 42.31 -18.95
CA THR D 54 -0.81 42.19 -19.05
C THR D 54 -0.23 42.49 -17.68
N PHE D 55 0.72 41.68 -17.24
CA PHE D 55 1.52 41.97 -16.05
C PHE D 55 2.88 42.48 -16.53
N ALA D 56 3.32 43.61 -15.99
CA ALA D 56 4.59 44.21 -16.40
C ALA D 56 5.76 43.46 -15.74
N VAL D 57 5.91 42.20 -16.13
CA VAL D 57 6.95 41.34 -15.56
C VAL D 57 7.53 40.42 -16.63
N GLY D 58 8.68 39.81 -16.30
CA GLY D 58 9.33 38.87 -17.18
C GLY D 58 10.43 39.54 -17.98
N PRO D 59 11.16 38.73 -18.76
CA PRO D 59 12.38 39.23 -19.42
C PRO D 59 12.11 40.15 -20.59
N THR D 60 10.89 40.18 -21.13
CA THR D 60 10.51 41.12 -22.17
C THR D 60 9.92 42.40 -21.60
N GLY D 61 9.68 42.44 -20.29
CA GLY D 61 9.10 43.60 -19.64
C GLY D 61 7.60 43.52 -19.50
N ALA D 62 6.95 42.59 -20.20
CA ALA D 62 5.50 42.44 -20.17
C ALA D 62 5.15 40.98 -20.50
N THR D 63 4.13 40.47 -19.83
CA THR D 63 3.63 39.13 -20.11
C THR D 63 2.11 39.21 -20.18
N LYS D 64 1.56 38.82 -21.33
CA LYS D 64 0.10 38.73 -21.47
C LYS D 64 -0.45 37.58 -20.64
N VAL D 65 -1.60 37.82 -20.00
CA VAL D 65 -2.23 36.78 -19.20
C VAL D 65 -3.76 36.87 -19.40
N ARG D 66 -4.42 35.74 -19.21
CA ARG D 66 -5.87 35.70 -19.11
C ARG D 66 -6.21 35.16 -17.73
N ILE D 67 -6.97 35.93 -16.98
CA ILE D 67 -7.39 35.53 -15.63
C ILE D 67 -8.83 35.01 -15.74
N ILE D 68 -9.06 33.82 -15.15
CA ILE D 68 -10.33 33.12 -15.25
C ILE D 68 -10.80 32.80 -13.83
N ARG D 69 -12.09 32.95 -13.59
CA ARG D 69 -12.72 32.67 -12.31
C ARG D 69 -14.07 32.02 -12.58
N PRO D 70 -14.50 31.10 -11.71
CA PRO D 70 -15.89 30.60 -11.81
C PRO D 70 -16.87 31.77 -11.84
N GLN D 71 -17.79 31.74 -12.80
CA GLN D 71 -18.62 32.89 -13.09
C GLN D 71 -19.33 33.39 -11.83
N GLY D 72 -19.22 34.71 -11.60
CA GLY D 72 -19.87 35.36 -10.49
C GLY D 72 -19.18 35.26 -9.16
N ASN D 73 -18.06 34.54 -9.08
CA ASN D 73 -17.38 34.32 -7.81
C ASN D 73 -16.41 35.47 -7.53
N THR D 74 -16.69 36.22 -6.45
CA THR D 74 -15.87 37.34 -6.05
C THR D 74 -15.09 37.09 -4.77
N ASP D 75 -15.06 35.85 -4.28
CA ASP D 75 -14.35 35.56 -3.04
C ASP D 75 -12.84 35.55 -3.26
N ARG D 76 -12.10 35.66 -2.15
CA ARG D 76 -10.66 35.41 -2.16
C ARG D 76 -10.44 33.91 -2.41
N LEU D 77 -9.95 33.57 -3.58
CA LEU D 77 -9.82 32.19 -4.03
C LEU D 77 -8.36 31.75 -4.05
N PRO D 78 -8.10 30.47 -3.85
CA PRO D 78 -6.80 29.91 -4.26
C PRO D 78 -6.59 30.17 -5.74
N VAL D 79 -5.35 30.00 -6.20
CA VAL D 79 -5.02 30.38 -7.58
C VAL D 79 -4.17 29.30 -8.24
N ILE D 80 -4.46 29.08 -9.53
CA ILE D 80 -3.68 28.21 -10.41
C ILE D 80 -3.00 29.11 -11.42
N VAL D 81 -1.70 28.95 -11.59
CA VAL D 81 -1.00 29.57 -12.72
C VAL D 81 -0.77 28.46 -13.75
N TYR D 82 -1.21 28.69 -14.99
CA TYR D 82 -1.30 27.65 -15.99
C TYR D 82 -0.44 27.97 -17.20
N PHE D 83 0.32 26.96 -17.64
CA PHE D 83 1.22 27.05 -18.78
C PHE D 83 0.75 26.07 -19.85
N HIS D 84 0.27 26.62 -20.96
CA HIS D 84 -0.31 25.81 -22.01
C HIS D 84 0.76 25.13 -22.86
N GLY D 85 0.36 24.05 -23.52
CA GLY D 85 1.22 23.30 -24.40
C GLY D 85 0.94 23.57 -25.86
N ALA D 86 1.46 22.67 -26.71
CA ALA D 86 1.35 22.69 -28.17
C ALA D 86 2.69 23.08 -28.79
N GLY D 87 3.79 22.50 -28.28
CA GLY D 87 5.04 22.46 -29.00
C GLY D 87 5.87 23.73 -28.97
N TRP D 88 5.56 24.66 -28.07
CA TRP D 88 6.18 25.96 -27.97
C TRP D 88 5.76 26.89 -29.11
N VAL D 89 5.45 26.33 -30.27
CA VAL D 89 5.08 27.13 -31.43
C VAL D 89 3.63 27.57 -31.35
N MET D 90 2.74 26.65 -30.96
N MET D 90 2.73 26.65 -30.97
CA MET D 90 1.30 26.86 -31.09
CA MET D 90 1.30 26.86 -31.11
C MET D 90 0.64 27.06 -29.73
C MET D 90 0.66 27.16 -29.76
N GLY D 91 -0.67 27.25 -29.75
CA GLY D 91 -1.43 27.36 -28.52
C GLY D 91 -1.74 28.79 -28.15
N ASP D 92 -2.92 28.99 -27.54
CA ASP D 92 -3.40 30.31 -27.15
C ASP D 92 -4.59 30.12 -26.22
N THR D 93 -5.19 31.25 -25.80
CA THR D 93 -6.35 31.17 -24.90
C THR D 93 -7.49 30.41 -25.57
N GLY D 94 -7.54 30.42 -26.90
CA GLY D 94 -8.57 29.67 -27.61
C GLY D 94 -8.36 28.17 -27.55
N THR D 95 -7.16 27.72 -27.91
CA THR D 95 -6.91 26.29 -28.06
C THR D 95 -7.11 25.53 -26.76
N HIS D 96 -6.90 26.18 -25.62
CA HIS D 96 -6.92 25.49 -24.34
C HIS D 96 -8.09 25.94 -23.47
N ASP D 97 -9.03 26.69 -24.03
CA ASP D 97 -10.07 27.35 -23.24
C ASP D 97 -10.89 26.36 -22.41
N ARG D 98 -11.45 25.33 -23.05
CA ARG D 98 -12.32 24.43 -22.31
C ARG D 98 -11.57 23.75 -21.17
N LEU D 99 -10.36 23.27 -21.45
CA LEU D 99 -9.56 22.61 -20.43
C LEU D 99 -9.32 23.53 -19.22
N VAL D 100 -8.92 24.78 -19.46
CA VAL D 100 -8.55 25.60 -18.29
C VAL D 100 -9.79 26.09 -17.55
N ARG D 101 -10.90 26.28 -18.27
CA ARG D 101 -12.18 26.51 -17.59
C ARG D 101 -12.55 25.36 -16.67
N GLU D 102 -12.45 24.12 -17.16
CA GLU D 102 -12.75 22.96 -16.32
C GLU D 102 -11.86 22.91 -15.08
N LEU D 103 -10.57 23.24 -15.22
CA LEU D 103 -9.70 23.26 -14.05
C LEU D 103 -10.12 24.36 -13.08
N SER D 104 -10.38 25.57 -13.59
CA SER D 104 -10.78 26.66 -12.71
C SER D 104 -12.03 26.29 -11.91
N VAL D 105 -13.06 25.78 -12.58
CA VAL D 105 -14.33 25.51 -11.92
C VAL D 105 -14.23 24.30 -11.00
N ARG D 106 -13.53 23.24 -11.43
CA ARG D 106 -13.43 22.05 -10.61
C ARG D 106 -12.56 22.28 -9.38
N ALA D 107 -11.49 23.05 -9.52
CA ALA D 107 -10.68 23.39 -8.37
C ALA D 107 -11.28 24.53 -7.56
N ASN D 108 -12.32 25.19 -8.09
CA ASN D 108 -12.86 26.43 -7.51
C ASN D 108 -11.70 27.39 -7.16
N ALA D 109 -11.00 27.80 -8.22
CA ALA D 109 -9.83 28.64 -8.06
C ALA D 109 -9.78 29.64 -9.20
N ALA D 110 -9.22 30.82 -8.91
CA ALA D 110 -8.76 31.68 -9.99
C ALA D 110 -7.67 30.94 -10.76
N LEU D 111 -7.63 31.14 -12.07
CA LEU D 111 -6.61 30.54 -12.93
C LEU D 111 -6.00 31.65 -13.78
N VAL D 112 -4.69 31.78 -13.72
CA VAL D 112 -3.95 32.76 -14.49
C VAL D 112 -3.25 32.02 -15.63
N PHE D 113 -3.76 32.23 -16.84
CA PHE D 113 -3.26 31.60 -18.06
C PHE D 113 -2.15 32.47 -18.63
N VAL D 114 -0.93 31.95 -18.66
CA VAL D 114 0.22 32.72 -19.14
C VAL D 114 0.28 32.59 -20.66
N ASP D 115 0.04 33.71 -21.35
CA ASP D 115 0.12 33.75 -22.81
C ASP D 115 1.56 34.11 -23.20
N TYR D 116 2.46 33.15 -23.02
CA TYR D 116 3.88 33.38 -23.14
C TYR D 116 4.28 33.54 -24.60
N GLU D 117 5.45 34.13 -24.80
CA GLU D 117 5.98 34.34 -26.15
C GLU D 117 6.36 32.98 -26.75
N ARG D 118 5.80 32.68 -27.91
CA ARG D 118 5.97 31.39 -28.54
C ARG D 118 7.18 31.38 -29.45
N SER D 119 7.59 30.16 -29.83
CA SER D 119 8.77 29.92 -30.66
C SER D 119 8.35 29.79 -32.12
N PRO D 120 9.26 30.05 -33.07
CA PRO D 120 10.69 30.38 -32.86
C PRO D 120 10.98 31.86 -32.62
N GLU D 121 9.96 32.72 -32.71
CA GLU D 121 10.18 34.14 -32.46
C GLU D 121 10.86 34.35 -31.10
N ALA D 122 10.40 33.63 -30.07
CA ALA D 122 11.05 33.58 -28.77
C ALA D 122 11.61 32.17 -28.58
N ARG D 123 12.90 32.08 -28.27
CA ARG D 123 13.58 30.86 -27.90
C ARG D 123 13.65 30.75 -26.38
N TYR D 124 13.96 29.55 -25.91
CA TYR D 124 14.47 29.37 -24.55
C TYR D 124 15.48 30.48 -24.25
N PRO D 125 15.47 31.09 -23.06
CA PRO D 125 14.59 30.82 -21.91
C PRO D 125 13.48 31.84 -21.70
N VAL D 126 13.00 32.50 -22.75
CA VAL D 126 12.04 33.59 -22.58
C VAL D 126 10.77 33.10 -21.89
N ALA D 127 10.17 32.03 -22.39
CA ALA D 127 8.87 31.59 -21.87
C ALA D 127 8.99 31.09 -20.42
N ILE D 128 10.02 30.29 -20.11
CA ILE D 128 10.08 29.79 -18.74
C ILE D 128 10.29 30.95 -17.77
N GLU D 129 10.99 31.99 -18.20
CA GLU D 129 11.19 33.13 -17.29
C GLU D 129 9.95 34.02 -17.22
N GLN D 130 9.21 34.15 -18.31
CA GLN D 130 7.87 34.73 -18.19
C GLN D 130 7.01 33.94 -17.24
N ASP D 131 7.02 32.61 -17.40
CA ASP D 131 6.21 31.75 -16.54
C ASP D 131 6.56 31.97 -15.07
N TYR D 132 7.87 31.96 -14.76
CA TYR D 132 8.29 32.16 -13.39
C TYR D 132 7.90 33.54 -12.88
N ALA D 133 8.10 34.58 -13.70
CA ALA D 133 7.82 35.94 -13.25
C ALA D 133 6.33 36.11 -12.94
N VAL D 134 5.45 35.55 -13.78
CA VAL D 134 4.02 35.64 -13.51
C VAL D 134 3.65 34.90 -12.24
N THR D 135 4.24 33.72 -12.02
CA THR D 135 3.95 32.95 -10.81
C THR D 135 4.35 33.77 -9.58
N LYS D 136 5.52 34.40 -9.63
CA LYS D 136 5.99 35.27 -8.54
C LYS D 136 5.10 36.50 -8.39
N TYR D 137 4.71 37.11 -9.51
CA TYR D 137 3.81 38.25 -9.47
C TYR D 137 2.49 37.87 -8.78
N VAL D 138 1.91 36.73 -9.15
CA VAL D 138 0.67 36.29 -8.53
C VAL D 138 0.84 36.14 -7.02
N ALA D 139 1.94 35.49 -6.62
CA ALA D 139 2.20 35.30 -5.20
C ALA D 139 2.41 36.62 -4.46
N GLU D 140 2.89 37.66 -5.14
CA GLU D 140 3.22 38.92 -4.50
C GLU D 140 2.15 40.00 -4.68
N HIS D 141 1.07 39.74 -5.42
CA HIS D 141 0.02 40.72 -5.66
C HIS D 141 -1.33 40.13 -5.36
N SER D 142 -1.44 39.48 -4.22
CA SER D 142 -2.65 38.73 -3.89
C SER D 142 -3.85 39.64 -3.61
N GLU D 143 -3.61 40.83 -3.07
CA GLU D 143 -4.71 41.78 -2.89
C GLU D 143 -5.22 42.26 -4.25
N GLN D 144 -4.29 42.62 -5.15
CA GLN D 144 -4.68 43.13 -6.46
C GLN D 144 -5.46 42.09 -7.26
N LEU D 145 -5.15 40.80 -7.09
CA LEU D 145 -5.84 39.73 -7.80
C LEU D 145 -6.94 39.06 -6.96
N ASN D 146 -7.06 39.43 -5.68
CA ASN D 146 -8.04 38.84 -4.78
C ASN D 146 -7.91 37.31 -4.74
N VAL D 147 -6.68 36.85 -4.52
CA VAL D 147 -6.40 35.43 -4.37
C VAL D 147 -5.64 35.19 -3.08
N ASP D 148 -5.60 33.93 -2.67
CA ASP D 148 -4.84 33.49 -1.51
C ASP D 148 -3.51 32.96 -2.01
N PRO D 149 -2.41 33.68 -1.79
CA PRO D 149 -1.10 33.22 -2.30
C PRO D 149 -0.51 32.03 -1.55
N THR D 150 -1.06 31.66 -0.39
CA THR D 150 -0.62 30.46 0.30
C THR D 150 -1.21 29.19 -0.30
N ARG D 151 -2.15 29.34 -1.22
CA ARG D 151 -2.79 28.21 -1.91
C ARG D 151 -2.62 28.46 -3.40
N LEU D 152 -1.38 28.26 -3.89
CA LEU D 152 -0.99 28.57 -5.26
C LEU D 152 -0.50 27.27 -5.89
N ALA D 153 -1.14 26.88 -6.99
CA ALA D 153 -0.75 25.72 -7.76
C ALA D 153 -0.26 26.16 -9.12
N ILE D 154 0.60 25.33 -9.72
CA ILE D 154 1.02 25.52 -11.11
C ILE D 154 0.66 24.26 -11.87
N ALA D 155 0.32 24.43 -13.13
CA ALA D 155 -0.17 23.31 -13.92
C ALA D 155 0.12 23.60 -15.39
N GLY D 156 0.22 22.52 -16.17
CA GLY D 156 0.43 22.69 -17.61
C GLY D 156 0.38 21.37 -18.32
N ASP D 157 0.25 21.47 -19.64
CA ASP D 157 0.18 20.29 -20.52
C ASP D 157 1.29 20.31 -21.55
N VAL D 159 4.43 20.78 -23.49
CA VAL D 159 5.56 21.72 -23.21
C VAL D 159 5.18 22.54 -21.98
N GLY D 160 3.86 22.69 -21.71
CA GLY D 160 3.45 23.40 -20.49
C GLY D 160 3.76 22.62 -19.23
N GLY D 161 3.85 21.30 -19.35
CA GLY D 161 4.34 20.48 -18.25
C GLY D 161 5.84 20.56 -18.09
N ASN D 162 6.56 20.73 -19.19
CA ASN D 162 7.95 21.17 -19.09
C ASN D 162 8.07 22.47 -18.29
N MET D 163 7.26 23.47 -18.62
CA MET D 163 7.34 24.73 -17.91
C MET D 163 6.96 24.60 -16.45
N THR D 164 5.96 23.78 -16.16
CA THR D 164 5.59 23.49 -14.78
C THR D 164 6.78 22.95 -14.00
N ALA D 165 7.42 21.91 -14.54
CA ALA D 165 8.59 21.35 -13.85
C ALA D 165 9.70 22.39 -13.69
N VAL D 166 9.91 23.22 -14.70
CA VAL D 166 11.03 24.16 -14.64
C VAL D 166 10.72 25.32 -13.70
N VAL D 167 9.47 25.79 -13.68
CA VAL D 167 9.09 26.79 -12.69
C VAL D 167 9.31 26.26 -11.28
N SER D 168 8.91 25.00 -11.03
CA SER D 168 9.20 24.40 -9.73
C SER D 168 10.70 24.45 -9.41
N LEU D 169 11.53 24.04 -10.37
CA LEU D 169 12.97 24.04 -10.17
C LEU D 169 13.49 25.45 -9.93
N LEU D 170 13.04 26.42 -10.74
CA LEU D 170 13.48 27.79 -10.55
C LEU D 170 13.09 28.32 -9.18
N ALA D 171 11.88 27.99 -8.71
CA ALA D 171 11.43 28.45 -7.40
C ALA D 171 12.28 27.87 -6.29
N GLN D 172 12.70 26.61 -6.42
CA GLN D 172 13.65 26.06 -5.46
C GLN D 172 14.94 26.86 -5.44
N GLU D 173 15.48 27.15 -6.63
CA GLU D 173 16.79 27.83 -6.71
C GLU D 173 16.70 29.28 -6.23
N ARG D 174 15.55 29.92 -6.40
CA ARG D 174 15.42 31.33 -6.06
C ARG D 174 14.75 31.56 -4.71
N GLY D 175 14.42 30.48 -3.99
CA GLY D 175 13.82 30.63 -2.68
C GLY D 175 12.36 30.99 -2.68
N GLY D 176 11.67 30.78 -3.79
CA GLY D 176 10.25 31.04 -3.86
C GLY D 176 9.85 31.37 -5.27
N PRO D 177 8.54 31.56 -5.51
CA PRO D 177 7.49 31.52 -4.47
C PRO D 177 7.16 30.12 -3.95
N ASP D 178 6.45 30.07 -2.82
CA ASP D 178 5.95 28.79 -2.32
C ASP D 178 4.83 28.27 -3.22
N ILE D 179 4.85 26.96 -3.48
CA ILE D 179 3.92 26.30 -4.38
C ILE D 179 3.21 25.20 -3.60
N THR D 180 1.90 25.15 -3.72
CA THR D 180 1.12 24.17 -2.96
C THR D 180 1.03 22.82 -3.67
N ALA D 181 0.97 22.83 -5.00
CA ALA D 181 0.86 21.60 -5.77
C ALA D 181 1.16 21.92 -7.22
N GLN D 182 1.52 20.88 -7.99
CA GLN D 182 1.81 21.03 -9.40
C GLN D 182 1.18 19.89 -10.17
N VAL D 183 0.58 20.20 -11.31
CA VAL D 183 -0.08 19.23 -12.17
C VAL D 183 0.59 19.26 -13.53
N LEU D 184 0.98 18.09 -14.04
CA LEU D 184 1.67 17.95 -15.31
C LEU D 184 0.91 16.93 -16.17
N PHE D 185 0.25 17.41 -17.23
CA PHE D 185 -0.34 16.53 -18.23
C PHE D 185 0.73 16.20 -19.27
N TYR D 186 1.00 14.88 -19.46
CA TYR D 186 1.90 14.34 -20.48
C TYR D 186 3.03 15.32 -20.78
N PRO D 187 3.86 15.62 -19.77
CA PRO D 187 4.90 16.64 -19.95
C PRO D 187 6.02 16.22 -20.88
N VAL D 188 6.65 17.22 -21.47
CA VAL D 188 7.94 17.08 -22.13
C VAL D 188 9.02 17.24 -21.06
N THR D 189 9.85 16.22 -20.88
CA THR D 189 10.87 16.26 -19.84
C THR D 189 12.25 15.86 -20.36
N ASP D 190 12.37 15.37 -21.59
CA ASP D 190 13.62 14.87 -22.11
C ASP D 190 13.63 15.19 -23.59
N ALA D 191 14.79 14.95 -24.21
CA ALA D 191 14.93 15.07 -25.65
C ALA D 191 15.63 13.82 -26.21
N ASP D 192 15.37 12.66 -25.62
CA ASP D 192 15.90 11.37 -26.08
C ASP D 192 14.88 10.75 -27.01
N PHE D 193 15.07 11.00 -28.32
CA PHE D 193 14.13 10.58 -29.33
C PHE D 193 14.26 9.10 -29.70
N ASP D 194 15.10 8.34 -28.98
CA ASP D 194 15.28 6.91 -29.23
C ASP D 194 14.86 6.06 -28.03
N ASN D 195 14.11 6.62 -27.08
CA ASN D 195 13.67 5.82 -25.95
C ASN D 195 12.50 4.93 -26.36
N GLY D 196 11.95 4.21 -25.37
CA GLY D 196 10.99 3.17 -25.67
C GLY D 196 9.73 3.69 -26.35
N SER D 197 9.10 4.70 -25.74
CA SER D 197 7.85 5.22 -26.31
C SER D 197 8.09 6.06 -27.56
N TYR D 198 9.22 6.77 -27.66
CA TYR D 198 9.53 7.43 -28.93
C TYR D 198 9.63 6.41 -30.07
N THR D 199 10.26 5.25 -29.80
CA THR D 199 10.41 4.22 -30.82
C THR D 199 9.06 3.61 -31.17
N GLU D 200 8.28 3.26 -30.14
CA GLU D 200 6.99 2.61 -30.38
C GLU D 200 6.01 3.53 -31.12
N PHE D 201 6.04 4.83 -30.84
CA PHE D 201 5.06 5.77 -31.36
C PHE D 201 5.69 6.80 -32.28
N ALA D 202 6.84 6.43 -32.88
CA ALA D 202 7.56 7.36 -33.73
C ALA D 202 6.68 7.91 -34.86
N ASN D 203 5.73 7.11 -35.35
CA ASN D 203 4.87 7.50 -36.45
C ASN D 203 3.49 7.93 -35.99
N GLY D 204 3.31 8.17 -34.69
CA GLY D 204 2.03 8.58 -34.17
C GLY D 204 1.47 7.56 -33.20
N PRO D 205 0.19 7.70 -32.83
CA PRO D 205 -0.79 8.64 -33.39
C PRO D 205 -0.74 10.09 -32.93
N TRP D 206 -1.13 11.01 -33.85
CA TRP D 206 -1.27 12.44 -33.62
C TRP D 206 0.08 13.15 -33.45
N LEU D 207 0.89 12.73 -32.49
CA LEU D 207 2.20 13.33 -32.24
C LEU D 207 3.27 12.37 -32.73
N THR D 208 4.19 12.88 -33.56
CA THR D 208 5.22 12.03 -34.15
C THR D 208 6.60 12.48 -33.69
N LYS D 209 7.58 11.60 -33.90
CA LYS D 209 8.96 11.86 -33.57
C LYS D 209 9.55 12.98 -34.43
N PRO D 210 9.31 12.99 -35.74
CA PRO D 210 9.77 14.15 -36.53
C PRO D 210 9.17 15.46 -36.05
N ALA D 211 7.91 15.45 -35.61
CA ALA D 211 7.30 16.68 -35.09
C ALA D 211 8.05 17.16 -33.85
N MET D 212 8.31 16.25 -32.90
CA MET D 212 9.07 16.60 -31.70
C MET D 212 10.44 17.16 -32.04
N ASP D 213 11.16 16.52 -32.97
CA ASP D 213 12.43 17.07 -33.42
C ASP D 213 12.26 18.52 -33.90
N TRP D 214 11.17 18.81 -34.62
CA TRP D 214 10.95 20.15 -35.13
C TRP D 214 10.64 21.15 -34.01
N PHE D 215 9.74 20.76 -33.10
CA PHE D 215 9.36 21.66 -32.00
C PHE D 215 10.58 22.02 -31.16
N TRP D 216 11.38 21.03 -30.77
CA TRP D 216 12.60 21.29 -30.02
C TRP D 216 13.51 22.25 -30.77
N ASN D 217 13.63 22.11 -32.08
CA ASN D 217 14.50 22.99 -32.86
C ASN D 217 13.94 24.40 -32.96
N GLN D 218 12.61 24.57 -32.83
CA GLN D 218 12.03 25.91 -32.76
C GLN D 218 12.29 26.56 -31.41
N TYR D 219 12.30 25.75 -30.35
CA TYR D 219 12.45 26.25 -28.99
C TYR D 219 13.87 26.63 -28.68
N LEU D 220 14.83 25.91 -29.23
CA LEU D 220 16.21 26.01 -28.77
C LEU D 220 17.12 26.55 -29.85
N PRO D 221 18.13 27.31 -29.46
CA PRO D 221 19.22 27.64 -30.40
C PRO D 221 20.04 26.39 -30.70
N GLU D 222 20.65 26.38 -31.89
CA GLU D 222 21.46 25.23 -32.26
C GLU D 222 22.68 25.09 -31.35
N GLY D 223 23.05 23.85 -31.05
CA GLY D 223 24.24 23.57 -30.29
C GLY D 223 24.14 23.76 -28.79
N ILE D 224 22.98 24.20 -28.27
CA ILE D 224 22.87 24.38 -26.84
C ILE D 224 22.86 23.01 -26.17
N ASP D 225 23.38 22.95 -24.96
CA ASP D 225 23.45 21.71 -24.20
C ASP D 225 22.05 21.38 -23.70
N ARG D 226 21.41 20.39 -24.31
CA ARG D 226 20.03 20.09 -23.98
C ARG D 226 19.86 19.37 -22.65
N THR D 227 20.93 18.98 -21.99
CA THR D 227 20.84 18.25 -20.73
C THR D 227 20.70 19.17 -19.53
N ASP D 228 20.77 20.49 -19.72
CA ASP D 228 20.50 21.42 -18.64
C ASP D 228 19.11 21.13 -18.08
N PRO D 229 18.95 21.04 -16.76
CA PRO D 229 17.62 20.69 -16.20
C PRO D 229 16.53 21.74 -16.44
N LYS D 230 16.89 22.99 -16.74
CA LYS D 230 15.91 24.00 -17.12
C LYS D 230 15.40 23.79 -18.56
N ILE D 231 16.02 22.88 -19.30
CA ILE D 231 15.56 22.47 -20.63
C ILE D 231 14.93 21.09 -20.57
N THR D 232 15.67 20.11 -20.04
CA THR D 232 15.15 18.74 -19.86
C THR D 232 15.18 18.41 -18.38
N PRO D 233 14.07 18.62 -17.66
CA PRO D 233 14.10 18.44 -16.20
C PRO D 233 14.22 17.00 -15.74
N ILE D 234 14.16 16.03 -16.66
CA ILE D 234 14.59 14.67 -16.30
C ILE D 234 16.01 14.67 -15.73
N HIS D 235 16.82 15.68 -16.07
CA HIS D 235 18.20 15.73 -15.61
C HIS D 235 18.37 16.48 -14.30
N ALA D 236 17.28 16.89 -13.67
CA ALA D 236 17.38 17.65 -12.42
C ALA D 236 17.98 16.79 -11.31
N THR D 237 18.74 17.42 -10.44
CA THR D 237 19.38 16.70 -9.35
C THR D 237 18.39 16.43 -8.21
N SER D 238 18.78 15.49 -7.34
CA SER D 238 18.00 15.22 -6.14
C SER D 238 17.73 16.50 -5.36
N GLU D 239 18.72 17.40 -5.32
CA GLU D 239 18.56 18.61 -4.52
C GLU D 239 17.65 19.63 -5.21
N GLN D 240 17.62 19.62 -6.55
CA GLN D 240 16.69 20.52 -7.25
C GLN D 240 15.25 20.03 -7.14
N LEU D 241 15.05 18.73 -6.98
CA LEU D 241 13.71 18.15 -6.93
C LEU D 241 13.18 18.03 -5.52
N SER D 242 14.05 17.74 -4.57
CA SER D 242 13.61 17.57 -3.19
C SER D 242 13.05 18.90 -2.70
N GLY D 243 12.01 18.82 -1.87
CA GLY D 243 11.36 20.02 -1.40
C GLY D 243 10.32 20.60 -2.33
N GLN D 244 10.12 20.03 -3.51
CA GLN D 244 9.12 20.61 -4.39
C GLN D 244 7.71 20.23 -3.93
N ALA D 245 6.73 20.95 -4.48
CA ALA D 245 5.34 20.69 -4.15
C ALA D 245 4.89 19.30 -4.61
N PRO D 246 3.92 18.71 -3.91
CA PRO D 246 3.32 17.47 -4.40
C PRO D 246 2.89 17.62 -5.86
N ALA D 247 3.05 16.54 -6.62
CA ALA D 247 2.81 16.57 -8.05
C ALA D 247 1.83 15.47 -8.47
N LEU D 248 1.00 15.82 -9.45
CA LEU D 248 0.17 14.88 -10.19
C LEU D 248 0.70 14.84 -11.61
N VAL D 249 1.13 13.65 -12.06
CA VAL D 249 1.65 13.46 -13.41
C VAL D 249 0.72 12.48 -14.10
N ILE D 250 0.13 12.91 -15.20
CA ILE D 250 -0.81 12.10 -15.98
C ILE D 250 -0.21 11.88 -17.35
N THR D 251 -0.08 10.60 -17.75
CA THR D 251 0.42 10.26 -19.06
C THR D 251 -0.66 9.56 -19.89
N ALA D 252 -0.40 9.52 -21.21
CA ALA D 252 -1.21 8.79 -22.17
C ALA D 252 -0.47 7.54 -22.61
N GLU D 253 -1.18 6.42 -22.66
CA GLU D 253 -0.52 5.16 -23.00
C GLU D 253 0.19 5.24 -24.35
N ASN D 254 -0.40 5.93 -25.32
CA ASN D 254 0.03 5.88 -26.71
C ASN D 254 0.54 7.27 -27.09
N ASP D 255 1.78 7.54 -26.69
CA ASP D 255 2.34 8.89 -26.79
C ASP D 255 3.85 8.75 -26.71
N VAL D 256 4.55 9.38 -27.64
CA VAL D 256 6.02 9.30 -27.62
C VAL D 256 6.56 9.81 -26.30
N LEU D 257 5.87 10.77 -25.68
CA LEU D 257 6.31 11.38 -24.43
C LEU D 257 6.02 10.54 -23.19
N ARG D 258 5.28 9.44 -23.34
CA ARG D 258 4.85 8.67 -22.16
C ARG D 258 6.02 8.33 -21.24
N ASP D 259 7.07 7.73 -21.80
CA ASP D 259 8.12 7.17 -20.97
C ASP D 259 8.87 8.28 -20.21
N GLU D 260 9.16 9.40 -20.87
CA GLU D 260 9.89 10.46 -20.19
C GLU D 260 9.02 11.11 -19.11
N GLY D 261 7.71 11.17 -19.33
CA GLY D 261 6.83 11.67 -18.26
C GLY D 261 6.85 10.77 -17.04
N GLU D 262 6.73 9.45 -17.24
CA GLU D 262 6.73 8.52 -16.11
C GLU D 262 8.11 8.44 -15.46
N ALA D 263 9.17 8.57 -16.25
CA ALA D 263 10.52 8.54 -15.68
C ALA D 263 10.74 9.77 -14.81
N TYR D 264 10.28 10.94 -15.25
CA TYR D 264 10.39 12.15 -14.45
C TYR D 264 9.61 12.02 -13.15
N ALA D 265 8.39 11.50 -13.22
CA ALA D 265 7.63 11.22 -12.01
C ALA D 265 8.42 10.33 -11.05
N ARG D 266 9.11 9.31 -11.57
CA ARG D 266 9.94 8.47 -10.72
C ARG D 266 11.06 9.27 -10.06
N LYS D 267 11.71 10.15 -10.82
CA LYS D 267 12.80 10.92 -10.26
C LYS D 267 12.31 11.79 -9.12
N LEU D 268 11.15 12.46 -9.31
CA LEU D 268 10.55 13.26 -8.25
C LEU D 268 10.26 12.42 -7.03
N SER D 269 9.66 11.25 -7.25
CA SER D 269 9.28 10.40 -6.13
C SER D 269 10.51 9.99 -5.31
N GLN D 270 11.59 9.59 -5.98
CA GLN D 270 12.77 9.15 -5.26
C GLN D 270 13.53 10.29 -4.61
N ALA D 271 13.23 11.53 -4.98
CA ALA D 271 13.73 12.70 -4.26
C ALA D 271 12.89 13.02 -3.03
N GLY D 272 11.81 12.30 -2.79
CA GLY D 272 10.98 12.52 -1.63
C GLY D 272 9.73 13.34 -1.86
N VAL D 273 9.42 13.69 -3.11
CA VAL D 273 8.23 14.45 -3.43
C VAL D 273 7.07 13.48 -3.52
N ASP D 274 5.91 13.90 -3.02
CA ASP D 274 4.68 13.11 -3.06
C ASP D 274 4.12 13.19 -4.48
N VAL D 275 4.26 12.10 -5.24
CA VAL D 275 3.92 12.09 -6.66
C VAL D 275 2.79 11.09 -6.91
N THR D 276 1.69 11.61 -7.43
CA THR D 276 0.59 10.79 -7.93
C THR D 276 0.79 10.69 -9.44
N VAL D 277 1.00 9.48 -9.95
CA VAL D 277 1.32 9.31 -11.37
C VAL D 277 0.40 8.24 -11.95
N THR D 278 -0.31 8.60 -13.01
N THR D 278 -0.26 8.59 -13.06
CA THR D 278 -1.33 7.75 -13.58
CA THR D 278 -1.37 7.80 -13.60
C THR D 278 -1.24 7.75 -15.10
C THR D 278 -1.26 7.76 -15.11
N ARG D 279 -1.24 6.56 -15.68
CA ARG D 279 -1.26 6.38 -17.12
C ARG D 279 -2.69 6.00 -17.53
N TYR D 280 -3.22 6.72 -18.52
CA TYR D 280 -4.56 6.43 -19.05
C TYR D 280 -4.41 5.59 -20.32
N ASN D 281 -4.92 4.36 -20.26
CA ASN D 281 -4.82 3.48 -21.42
C ASN D 281 -5.85 3.88 -22.46
N GLY D 282 -5.55 3.56 -23.72
CA GLY D 282 -6.47 3.72 -24.80
C GLY D 282 -6.55 5.11 -25.36
N THR D 283 -5.73 6.05 -24.88
CA THR D 283 -5.78 7.42 -25.37
C THR D 283 -4.40 7.86 -25.87
N ILE D 284 -4.33 9.12 -26.28
CA ILE D 284 -3.23 9.65 -27.08
C ILE D 284 -2.75 10.96 -26.48
N HIS D 285 -1.64 11.45 -27.04
CA HIS D 285 -1.17 12.78 -26.70
C HIS D 285 -2.27 13.81 -26.88
N ASP D 286 -2.22 14.84 -26.04
CA ASP D 286 -3.12 15.99 -26.08
C ASP D 286 -4.54 15.67 -25.68
N PHE D 287 -4.77 14.57 -24.93
CA PHE D 287 -6.15 14.10 -24.76
C PHE D 287 -6.99 14.90 -23.77
N VAL D 288 -6.39 15.76 -22.94
CA VAL D 288 -7.23 16.63 -22.10
C VAL D 288 -7.43 18.01 -22.71
N MET D 289 -6.80 18.30 -23.84
CA MET D 289 -6.98 19.56 -24.54
C MET D 289 -7.94 19.47 -25.73
N LEU D 290 -7.83 18.42 -26.54
CA LEU D 290 -8.52 18.37 -27.83
C LEU D 290 -10.03 18.24 -27.63
N ASN D 291 -10.78 19.19 -28.21
CA ASN D 291 -12.22 19.15 -28.10
C ASN D 291 -12.80 17.87 -28.66
N VAL D 292 -12.20 17.34 -29.72
CA VAL D 292 -12.71 16.12 -30.36
C VAL D 292 -12.73 14.94 -29.40
N LEU D 293 -11.84 14.93 -28.40
CA LEU D 293 -11.78 13.83 -27.44
C LEU D 293 -12.46 14.16 -26.12
N ALA D 294 -13.15 15.30 -26.02
CA ALA D 294 -13.65 15.78 -24.73
C ALA D 294 -14.66 14.82 -24.09
N ASP D 295 -15.35 14.00 -24.87
N ASP D 295 -15.35 14.00 -24.88
CA ASP D 295 -16.34 13.08 -24.32
CA ASP D 295 -16.33 13.07 -24.35
C ASP D 295 -15.79 11.66 -24.19
C ASP D 295 -15.76 11.67 -24.14
N THR D 296 -14.49 11.45 -24.47
CA THR D 296 -13.92 10.13 -24.30
C THR D 296 -13.67 9.86 -22.81
N PRO D 297 -13.68 8.59 -22.39
CA PRO D 297 -13.53 8.29 -20.96
C PRO D 297 -12.20 8.77 -20.38
N ALA D 298 -11.12 8.67 -21.13
CA ALA D 298 -9.81 9.10 -20.63
C ALA D 298 -9.80 10.61 -20.38
N ALA D 299 -10.32 11.39 -21.32
CA ALA D 299 -10.36 12.84 -21.15
C ALA D 299 -11.20 13.22 -19.94
N LYS D 300 -12.40 12.67 -19.86
CA LYS D 300 -13.26 12.97 -18.73
C LYS D 300 -12.61 12.54 -17.41
N GLY D 301 -11.99 11.35 -17.39
CA GLY D 301 -11.41 10.87 -16.17
C GLY D 301 -10.20 11.69 -15.74
N ALA D 302 -9.34 12.03 -16.69
CA ALA D 302 -8.11 12.76 -16.33
C ALA D 302 -8.43 14.19 -15.88
N ILE D 303 -9.34 14.87 -16.58
CA ILE D 303 -9.73 16.22 -16.15
C ILE D 303 -10.39 16.18 -14.78
N ALA D 304 -11.23 15.17 -14.53
CA ALA D 304 -11.87 15.06 -13.23
C ALA D 304 -10.84 14.74 -12.15
N GLN D 305 -9.89 13.85 -12.43
CA GLN D 305 -8.82 13.58 -11.47
C GLN D 305 -8.00 14.84 -11.18
N ALA D 306 -7.57 15.55 -12.24
CA ALA D 306 -6.79 16.78 -12.03
C ALA D 306 -7.59 17.83 -11.26
N GLY D 307 -8.86 18.02 -11.64
CA GLY D 307 -9.68 19.00 -10.96
C GLY D 307 -9.91 18.67 -9.49
N GLN D 308 -10.08 17.39 -9.19
CA GLN D 308 -10.26 16.98 -7.79
C GLN D 308 -8.95 17.05 -7.01
N TYR D 309 -7.83 16.67 -7.65
CA TYR D 309 -6.52 16.82 -7.03
C TYR D 309 -6.27 18.28 -6.65
N LEU D 310 -6.53 19.20 -7.59
CA LEU D 310 -6.31 20.62 -7.32
C LEU D 310 -7.28 21.15 -6.25
N HIS D 311 -8.55 20.74 -6.32
CA HIS D 311 -9.50 21.19 -5.31
C HIS D 311 -9.03 20.81 -3.92
N THR D 312 -8.60 19.56 -3.75
CA THR D 312 -8.11 19.08 -2.45
C THR D 312 -6.86 19.83 -2.03
N ALA D 313 -5.91 20.00 -2.96
CA ALA D 313 -4.69 20.72 -2.63
C ALA D 313 -4.99 22.15 -2.21
N LEU D 314 -5.94 22.81 -2.86
CA LEU D 314 -6.15 24.23 -2.69
C LEU D 314 -7.21 24.57 -1.66
N HIS D 315 -8.09 23.62 -1.29
CA HIS D 315 -9.14 23.89 -0.32
C HIS D 315 -9.14 22.96 0.89
N GLY D 316 -8.34 21.90 0.89
CA GLY D 316 -8.25 21.02 2.04
C GLY D 316 -7.57 21.69 3.23
#